data_8R3X
#
_entry.id   8R3X
#
_cell.length_a   78.418
_cell.length_b   86.324
_cell.length_c   114.803
_cell.angle_alpha   90.000
_cell.angle_beta   90.000
_cell.angle_gamma   90.000
#
_symmetry.space_group_name_H-M   'P 21 21 21'
#
loop_
_entity.id
_entity.type
_entity.pdbx_description
1 polymer 'Protein kinase C iota type'
2 polymer 'LLGL scribble cell polarity complex component 2'
3 water water
#
loop_
_entity_poly.entity_id
_entity_poly.type
_entity_poly.pdbx_seq_one_letter_code
_entity_poly.pdbx_strand_id
1 'polypeptide(L)'
;ESGKASSSLGLQDFDLLRVIGRGSYAKVLLVRLKKTDRIYAMKVVKKELVNDDEDIDWVQTEKHVFEQASNHPFLVGLHS
CFQTESRLFFVIEYVNGGDLMFHMQRQRKLPEEHARFYSAEISLALNYLHERGIIYRDLKLDNVLLDSEGHIKLTDYGMC
KEGLRPGDTTS(TPO)FCGTPNYIAPEILRGEDYGFSVDWWALGVLMFEMMAGRSPFDIVGSSDNPDQNTEDYLFQVILE
KQIRIPRSLSVKAASVLKSFLNKDPKERLGCHPQTGFADIQGHPFFRNVDWDMMEQKQVVPPFKPNISGEFGLDNFDSQF
TNEPVQL(TPO)PDDDDIVRKIDQSEFEGFEYINPLLMSAEECV
;
A,B
2 'polypeptide(L)' SRVKSLKKSLRQSFRRMRKS C,D
#
# COMPACT_ATOMS: atom_id res chain seq x y z
N LEU A 9 19.15 18.38 -36.00
CA LEU A 9 18.66 17.03 -35.60
C LEU A 9 17.13 17.00 -35.58
N GLY A 10 16.55 15.82 -35.89
CA GLY A 10 15.12 15.61 -35.97
C GLY A 10 14.71 14.18 -35.60
N LEU A 11 13.41 13.88 -35.78
CA LEU A 11 12.82 12.60 -35.42
C LEU A 11 13.34 11.45 -36.29
N GLN A 12 13.73 11.78 -37.54
CA GLN A 12 14.38 10.88 -38.49
C GLN A 12 15.58 10.15 -37.87
N ASP A 13 16.37 10.88 -37.05
CA ASP A 13 17.62 10.38 -36.49
C ASP A 13 17.43 9.43 -35.31
N PHE A 14 16.17 9.05 -34.96
CA PHE A 14 15.91 8.23 -33.78
C PHE A 14 15.03 7.02 -34.13
N ASP A 15 15.47 5.85 -33.62
CA ASP A 15 14.76 4.58 -33.72
C ASP A 15 13.99 4.43 -32.41
N LEU A 16 12.65 4.48 -32.46
CA LEU A 16 11.81 4.42 -31.26
C LEU A 16 11.71 2.96 -30.80
N LEU A 17 11.92 2.73 -29.50
CA LEU A 17 12.13 1.38 -28.96
C LEU A 17 10.99 0.96 -28.04
N ARG A 18 10.60 1.81 -27.09
CA ARG A 18 9.51 1.51 -26.16
C ARG A 18 9.04 2.78 -25.45
N VAL A 19 7.77 2.78 -25.00
CA VAL A 19 7.23 3.80 -24.11
C VAL A 19 7.63 3.42 -22.69
N ILE A 20 8.10 4.38 -21.89
CA ILE A 20 8.61 4.11 -20.55
C ILE A 20 7.98 5.02 -19.48
N GLY A 21 7.17 6.02 -19.86
CA GLY A 21 6.73 7.02 -18.89
C GLY A 21 5.73 8.01 -19.48
N ARG A 22 4.98 8.66 -18.57
CA ARG A 22 3.94 9.62 -18.91
C ARG A 22 3.78 10.62 -17.77
N GLY A 23 4.00 11.91 -18.05
CA GLY A 23 3.62 13.00 -17.18
C GLY A 23 2.26 13.60 -17.59
N SER A 24 1.93 14.75 -17.01
CA SER A 24 0.76 15.52 -17.41
C SER A 24 0.95 16.10 -18.83
N TYR A 25 2.13 16.68 -19.07
CA TYR A 25 2.49 17.30 -20.35
C TYR A 25 3.03 16.27 -21.35
N ALA A 26 3.86 15.33 -20.88
CA ALA A 26 4.77 14.57 -21.71
C ALA A 26 4.44 13.08 -21.81
N LYS A 27 4.89 12.47 -22.91
CA LYS A 27 5.07 11.03 -23.05
C LYS A 27 6.56 10.75 -23.21
N VAL A 28 7.07 9.71 -22.53
CA VAL A 28 8.50 9.42 -22.50
C VAL A 28 8.75 8.09 -23.22
N LEU A 29 9.79 8.08 -24.06
CA LEU A 29 10.18 6.91 -24.84
C LEU A 29 11.66 6.64 -24.67
N LEU A 30 12.03 5.35 -24.75
CA LEU A 30 13.39 4.92 -25.02
C LEU A 30 13.64 5.02 -26.52
N VAL A 31 14.73 5.68 -26.92
CA VAL A 31 15.10 5.86 -28.32
C VAL A 31 16.58 5.49 -28.51
N ARG A 32 16.96 5.18 -29.75
CA ARG A 32 18.35 4.97 -30.15
C ARG A 32 18.71 6.03 -31.18
N LEU A 33 19.87 6.68 -31.00
CA LEU A 33 20.45 7.53 -32.02
C LEU A 33 21.06 6.64 -33.09
N LYS A 34 20.55 6.76 -34.33
CA LYS A 34 20.98 5.94 -35.46
C LYS A 34 22.45 6.18 -35.80
N LYS A 35 22.93 7.41 -35.57
CA LYS A 35 24.31 7.80 -35.84
C LYS A 35 25.31 7.01 -34.98
N THR A 36 24.98 6.73 -33.71
CA THR A 36 25.97 6.27 -32.74
C THR A 36 25.59 4.97 -31.99
N ASP A 37 24.32 4.55 -32.06
CA ASP A 37 23.81 3.39 -31.32
C ASP A 37 23.90 3.60 -29.80
N ARG A 38 23.95 4.85 -29.33
CA ARG A 38 23.66 5.16 -27.94
C ARG A 38 22.15 5.25 -27.81
N ILE A 39 21.62 4.84 -26.65
CA ILE A 39 20.20 4.91 -26.35
C ILE A 39 19.97 6.06 -25.38
N TYR A 40 18.85 6.78 -25.57
CA TYR A 40 18.48 7.94 -24.77
C TYR A 40 16.99 7.85 -24.40
N ALA A 41 16.58 8.73 -23.47
CA ALA A 41 15.18 8.94 -23.14
C ALA A 41 14.66 10.17 -23.88
N MET A 42 13.46 10.07 -24.47
CA MET A 42 12.90 11.15 -25.28
C MET A 42 11.58 11.62 -24.65
N LYS A 43 11.56 12.84 -24.10
CA LYS A 43 10.36 13.45 -23.56
C LYS A 43 9.62 14.16 -24.71
N VAL A 44 8.40 13.68 -25.03
CA VAL A 44 7.60 14.18 -26.14
C VAL A 44 6.45 14.98 -25.53
N VAL A 45 6.47 16.31 -25.71
CA VAL A 45 5.43 17.21 -25.24
C VAL A 45 4.65 17.69 -26.45
N LYS A 46 3.33 17.42 -26.47
CA LYS A 46 2.44 17.96 -27.50
C LYS A 46 2.23 19.47 -27.30
N LYS A 47 2.34 20.24 -28.40
CA LYS A 47 2.19 21.69 -28.36
C LYS A 47 0.74 22.10 -28.08
N GLU A 48 -0.23 21.23 -28.44
CA GLU A 48 -1.64 21.27 -28.05
C GLU A 48 -1.84 21.64 -26.57
N LEU A 49 -1.00 21.09 -25.69
CA LEU A 49 -1.12 21.24 -24.24
C LEU A 49 -0.52 22.55 -23.72
N VAL A 50 0.40 23.18 -24.48
CA VAL A 50 1.14 24.35 -24.00
C VAL A 50 0.52 25.62 -24.61
N ASN A 51 -0.22 26.38 -23.78
CA ASN A 51 -1.17 27.41 -24.24
C ASN A 51 -1.11 28.72 -23.43
N ASP A 52 -0.83 28.65 -22.10
CA ASP A 52 -0.79 29.81 -21.22
C ASP A 52 0.64 30.22 -20.92
N ASP A 53 0.81 31.35 -20.19
CA ASP A 53 2.07 31.76 -19.59
C ASP A 53 2.73 30.60 -18.86
N GLU A 54 1.95 29.92 -17.99
CA GLU A 54 2.41 28.88 -17.09
C GLU A 54 3.01 27.67 -17.84
N ASP A 55 2.64 27.48 -19.12
CA ASP A 55 2.99 26.32 -19.92
C ASP A 55 4.26 26.57 -20.75
N ILE A 56 4.36 27.77 -21.36
CA ILE A 56 5.53 28.18 -22.16
C ILE A 56 6.76 28.32 -21.26
N ASP A 57 6.58 28.89 -20.06
CA ASP A 57 7.66 29.07 -19.09
C ASP A 57 8.20 27.71 -18.63
N TRP A 58 7.30 26.74 -18.42
CA TRP A 58 7.65 25.36 -18.04
C TRP A 58 8.64 24.74 -19.03
N VAL A 59 8.43 24.95 -20.34
CA VAL A 59 9.32 24.37 -21.35
C VAL A 59 10.61 25.19 -21.48
N GLN A 60 10.52 26.52 -21.45
CA GLN A 60 11.67 27.40 -21.65
C GLN A 60 12.68 27.24 -20.50
N THR A 61 12.20 27.18 -19.25
CA THR A 61 13.08 27.04 -18.09
C THR A 61 13.67 25.63 -18.06
N GLU A 62 12.86 24.58 -18.33
CA GLU A 62 13.36 23.21 -18.42
C GLU A 62 14.55 23.13 -19.37
N LYS A 63 14.43 23.76 -20.55
CA LYS A 63 15.52 23.85 -21.51
C LYS A 63 16.72 24.59 -20.91
N HIS A 64 16.47 25.76 -20.31
CA HIS A 64 17.52 26.63 -19.79
C HIS A 64 18.31 25.94 -18.68
N VAL A 65 17.64 25.17 -17.80
CA VAL A 65 18.29 24.51 -16.67
C VAL A 65 19.11 23.32 -17.17
N PHE A 66 18.57 22.54 -18.13
CA PHE A 66 19.31 21.47 -18.77
C PHE A 66 20.66 21.97 -19.32
N GLU A 67 20.71 23.21 -19.86
CA GLU A 67 21.95 23.78 -20.39
C GLU A 67 22.87 24.23 -19.24
N GLN A 68 22.36 25.20 -18.46
CA GLN A 68 23.17 25.98 -17.53
C GLN A 68 23.59 25.13 -16.34
N ALA A 69 22.75 24.18 -15.94
CA ALA A 69 23.04 23.19 -14.92
C ALA A 69 23.19 21.83 -15.58
N SER A 70 22.96 20.75 -14.81
CA SER A 70 22.82 19.39 -15.29
C SER A 70 24.16 18.75 -15.69
N ASN A 71 25.29 19.39 -15.38
CA ASN A 71 26.62 18.81 -15.52
C ASN A 71 26.86 17.82 -14.37
N HIS A 72 26.38 18.19 -13.16
CA HIS A 72 26.38 17.44 -11.92
C HIS A 72 26.05 15.94 -12.06
N PRO A 73 26.65 15.02 -11.26
CA PRO A 73 26.34 13.58 -11.35
C PRO A 73 24.96 13.10 -10.89
N PHE A 74 24.22 13.91 -10.12
CA PHE A 74 22.88 13.59 -9.64
C PHE A 74 21.83 14.43 -10.35
N LEU A 75 22.11 14.90 -11.57
CA LEU A 75 21.14 15.60 -12.40
C LEU A 75 21.18 15.00 -13.80
N VAL A 76 20.02 14.95 -14.46
CA VAL A 76 19.89 14.37 -15.79
C VAL A 76 20.40 15.40 -16.81
N GLY A 77 21.33 14.99 -17.69
CA GLY A 77 21.83 15.83 -18.77
C GLY A 77 20.98 15.72 -20.03
N LEU A 78 21.13 16.71 -20.94
CA LEU A 78 20.34 16.84 -22.15
C LEU A 78 21.23 16.60 -23.37
N HIS A 79 20.86 15.64 -24.22
CA HIS A 79 21.52 15.43 -25.50
C HIS A 79 21.15 16.54 -26.49
N SER A 80 19.84 16.73 -26.74
CA SER A 80 19.38 17.61 -27.80
C SER A 80 17.89 17.94 -27.67
N CYS A 81 17.47 18.99 -28.40
CA CYS A 81 16.08 19.44 -28.53
C CYS A 81 15.72 19.58 -30.00
N PHE A 82 14.48 19.20 -30.37
CA PHE A 82 13.95 19.49 -31.70
C PHE A 82 12.43 19.47 -31.67
N GLN A 83 11.81 19.78 -32.83
CA GLN A 83 10.36 19.86 -32.96
C GLN A 83 9.90 19.32 -34.32
N THR A 84 8.73 18.67 -34.33
CA THR A 84 7.84 18.58 -35.47
C THR A 84 6.85 19.73 -35.37
N GLU A 85 5.86 19.78 -36.27
CA GLU A 85 4.82 20.80 -36.25
C GLU A 85 3.97 20.73 -34.97
N SER A 86 3.78 19.53 -34.39
CA SER A 86 2.85 19.29 -33.29
C SER A 86 3.49 19.11 -31.92
N ARG A 87 4.81 18.83 -31.85
CA ARG A 87 5.44 18.35 -30.62
C ARG A 87 6.82 18.98 -30.40
N LEU A 88 7.18 19.14 -29.12
CA LEU A 88 8.55 19.43 -28.69
C LEU A 88 9.20 18.14 -28.18
N PHE A 89 10.49 17.94 -28.53
CA PHE A 89 11.25 16.75 -28.16
C PHE A 89 12.48 17.15 -27.34
N PHE A 90 12.64 16.55 -26.14
CA PHE A 90 13.87 16.62 -25.37
C PHE A 90 14.51 15.24 -25.36
N VAL A 91 15.77 15.14 -25.82
CA VAL A 91 16.54 13.91 -25.75
C VAL A 91 17.48 14.04 -24.55
N ILE A 92 17.29 13.19 -23.54
CA ILE A 92 17.98 13.25 -22.25
C ILE A 92 18.55 11.87 -21.94
N GLU A 93 19.40 11.78 -20.90
CA GLU A 93 20.03 10.52 -20.55
C GLU A 93 18.97 9.53 -20.04
N TYR A 94 19.12 8.28 -20.48
CA TYR A 94 18.27 7.18 -20.05
C TYR A 94 18.73 6.71 -18.68
N VAL A 95 17.81 6.74 -17.70
CA VAL A 95 18.05 6.37 -16.31
C VAL A 95 17.02 5.29 -15.98
N ASN A 96 17.48 4.07 -15.72
CA ASN A 96 16.65 2.88 -15.88
C ASN A 96 16.42 2.12 -14.56
N GLY A 97 16.69 2.75 -13.40
CA GLY A 97 16.54 2.11 -12.10
C GLY A 97 15.19 2.36 -11.42
N GLY A 98 14.23 3.03 -12.10
CA GLY A 98 12.94 3.37 -11.52
C GLY A 98 13.00 4.70 -10.77
N ASP A 99 11.88 5.11 -10.15
CA ASP A 99 11.81 6.28 -9.28
C ASP A 99 11.55 5.86 -7.83
N LEU A 100 11.72 6.81 -6.90
CA LEU A 100 11.58 6.53 -5.47
C LEU A 100 10.14 6.20 -5.10
N MET A 101 9.13 6.71 -5.85
CA MET A 101 7.75 6.27 -5.66
C MET A 101 7.62 4.78 -6.00
N PHE A 102 8.13 4.40 -7.18
CA PHE A 102 8.10 3.00 -7.61
C PHE A 102 8.79 2.12 -6.58
N HIS A 103 9.95 2.58 -6.07
CA HIS A 103 10.74 1.85 -5.08
CA HIS A 103 10.72 1.83 -5.08
C HIS A 103 10.02 1.83 -3.73
N MET A 104 9.41 2.96 -3.33
CA MET A 104 8.66 3.01 -2.07
C MET A 104 7.46 2.06 -2.08
N GLN A 105 6.79 1.90 -3.23
CA GLN A 105 5.63 1.00 -3.32
C GLN A 105 6.02 -0.46 -3.12
N ARG A 106 7.24 -0.86 -3.55
CA ARG A 106 7.71 -2.23 -3.40
C ARG A 106 8.11 -2.52 -1.94
N GLN A 107 8.74 -1.54 -1.27
CA GLN A 107 9.28 -1.70 0.08
C GLN A 107 8.75 -0.56 0.94
N ARG A 108 7.71 -0.80 1.74
CA ARG A 108 6.84 0.27 2.22
C ARG A 108 7.61 1.32 3.04
N LYS A 109 8.44 0.90 4.01
CA LYS A 109 9.36 1.76 4.74
C LYS A 109 10.79 1.48 4.29
N LEU A 110 11.66 2.50 4.34
CA LEU A 110 13.10 2.34 4.14
C LEU A 110 13.81 2.39 5.49
N PRO A 111 14.92 1.62 5.69
CA PRO A 111 15.84 1.87 6.79
C PRO A 111 16.40 3.29 6.77
N GLU A 112 16.81 3.77 7.94
CA GLU A 112 17.34 5.12 8.10
C GLU A 112 18.64 5.32 7.31
N GLU A 113 19.54 4.31 7.25
CA GLU A 113 20.78 4.44 6.49
C GLU A 113 20.49 4.61 4.99
N HIS A 114 19.45 3.94 4.45
CA HIS A 114 19.04 4.14 3.07
C HIS A 114 18.53 5.56 2.87
N ALA A 115 17.65 6.01 3.77
CA ALA A 115 17.10 7.35 3.74
C ALA A 115 18.20 8.41 3.88
N ARG A 116 19.24 8.13 4.67
CA ARG A 116 20.40 9.00 4.80
C ARG A 116 21.14 9.09 3.48
N PHE A 117 21.36 7.94 2.81
CA PHE A 117 22.10 7.90 1.56
C PHE A 117 21.37 8.74 0.49
N TYR A 118 20.08 8.47 0.29
CA TYR A 118 19.29 9.11 -0.75
C TYR A 118 19.16 10.61 -0.50
N SER A 119 18.95 11.00 0.76
CA SER A 119 18.75 12.41 1.10
C SER A 119 20.06 13.21 1.05
N ALA A 120 21.21 12.55 1.30
CA ALA A 120 22.51 13.18 1.11
C ALA A 120 22.77 13.52 -0.36
N GLU A 121 22.48 12.57 -1.26
CA GLU A 121 22.70 12.75 -2.70
C GLU A 121 21.76 13.82 -3.27
N ILE A 122 20.49 13.81 -2.85
CA ILE A 122 19.57 14.89 -3.21
C ILE A 122 20.15 16.22 -2.73
N SER A 123 20.61 16.30 -1.47
CA SER A 123 21.08 17.53 -0.86
C SER A 123 22.21 18.17 -1.68
N LEU A 124 23.11 17.34 -2.22
CA LEU A 124 24.18 17.80 -3.07
C LEU A 124 23.61 18.37 -4.38
N ALA A 125 22.63 17.68 -4.97
CA ALA A 125 21.97 18.13 -6.19
C ALA A 125 21.28 19.48 -5.97
N LEU A 126 20.54 19.60 -4.86
CA LEU A 126 19.85 20.83 -4.52
C LEU A 126 20.86 21.96 -4.31
N ASN A 127 21.88 21.71 -3.50
CA ASN A 127 22.89 22.70 -3.19
C ASN A 127 23.59 23.19 -4.45
N TYR A 128 23.85 22.29 -5.41
CA TYR A 128 24.45 22.63 -6.69
C TYR A 128 23.56 23.60 -7.46
N LEU A 129 22.25 23.31 -7.54
CA LEU A 129 21.29 24.20 -8.19
C LEU A 129 21.21 25.54 -7.46
N HIS A 130 21.16 25.51 -6.12
CA HIS A 130 21.05 26.70 -5.29
C HIS A 130 22.21 27.68 -5.55
N GLU A 131 23.44 27.16 -5.67
CA GLU A 131 24.62 27.98 -5.85
C GLU A 131 24.73 28.48 -7.30
N ARG A 132 24.00 27.86 -8.25
CA ARG A 132 23.78 28.40 -9.59
C ARG A 132 22.51 29.29 -9.66
N GLY A 133 21.86 29.57 -8.53
CA GLY A 133 20.77 30.53 -8.45
C GLY A 133 19.45 29.95 -8.96
N ILE A 134 19.19 28.66 -8.64
CA ILE A 134 18.05 27.91 -9.18
C ILE A 134 17.32 27.27 -7.99
N ILE A 135 16.00 27.48 -7.90
CA ILE A 135 15.14 26.77 -6.96
C ILE A 135 14.50 25.64 -7.75
N TYR A 136 14.48 24.41 -7.20
CA TYR A 136 13.98 23.23 -7.88
C TYR A 136 12.45 23.29 -7.92
N ARG A 137 11.83 23.45 -6.73
CA ARG A 137 10.42 23.76 -6.54
C ARG A 137 9.47 22.60 -6.84
N ASP A 138 9.98 21.39 -7.16
CA ASP A 138 9.11 20.24 -7.38
C ASP A 138 9.81 18.95 -6.98
N LEU A 139 10.44 18.95 -5.79
CA LEU A 139 11.02 17.75 -5.23
C LEU A 139 9.87 16.85 -4.80
N LYS A 140 9.93 15.60 -5.23
CA LYS A 140 8.94 14.57 -4.90
C LYS A 140 9.51 13.23 -5.35
N LEU A 141 8.96 12.14 -4.77
CA LEU A 141 9.41 10.78 -5.01
C LEU A 141 9.44 10.47 -6.51
N ASP A 142 8.41 10.94 -7.24
CA ASP A 142 8.24 10.75 -8.67
C ASP A 142 9.40 11.35 -9.46
N ASN A 143 9.94 12.49 -9.00
CA ASN A 143 10.99 13.21 -9.70
C ASN A 143 12.39 12.80 -9.26
N VAL A 144 12.56 11.84 -8.33
CA VAL A 144 13.87 11.32 -7.97
C VAL A 144 14.02 9.92 -8.54
N LEU A 145 14.87 9.76 -9.56
CA LEU A 145 15.14 8.47 -10.18
C LEU A 145 16.37 7.84 -9.57
N LEU A 146 16.41 6.50 -9.53
CA LEU A 146 17.64 5.75 -9.36
C LEU A 146 18.20 5.39 -10.73
N ASP A 147 19.52 5.54 -10.91
CA ASP A 147 20.24 5.00 -12.07
C ASP A 147 20.53 3.52 -11.84
N SER A 148 21.18 2.88 -12.83
CA SER A 148 21.41 1.43 -12.84
C SER A 148 22.25 0.94 -11.66
N GLU A 149 23.13 1.80 -11.11
CA GLU A 149 24.03 1.46 -10.02
C GLU A 149 23.38 1.69 -8.65
N GLY A 150 22.37 2.58 -8.57
CA GLY A 150 21.60 2.81 -7.35
C GLY A 150 21.80 4.20 -6.74
N HIS A 151 22.41 5.15 -7.49
CA HIS A 151 22.54 6.54 -7.11
C HIS A 151 21.36 7.32 -7.67
N ILE A 152 21.01 8.45 -7.06
CA ILE A 152 19.83 9.23 -7.46
C ILE A 152 20.17 10.16 -8.62
N LYS A 153 19.10 10.58 -9.32
CA LYS A 153 19.09 11.73 -10.21
C LYS A 153 17.76 12.47 -10.06
N LEU A 154 17.80 13.81 -9.93
CA LEU A 154 16.63 14.67 -10.08
C LEU A 154 16.38 14.90 -11.58
N THR A 155 15.10 14.94 -11.99
CA THR A 155 14.75 14.93 -13.40
C THR A 155 13.96 16.18 -13.84
N ASP A 156 12.75 16.43 -13.31
CA ASP A 156 11.83 17.36 -13.94
C ASP A 156 12.17 18.79 -13.51
N TYR A 157 12.78 19.58 -14.42
CA TYR A 157 13.27 20.91 -14.11
C TYR A 157 12.27 22.00 -14.54
N GLY A 158 11.07 21.62 -14.98
CA GLY A 158 10.12 22.57 -15.53
C GLY A 158 9.61 23.59 -14.52
N MET A 159 9.62 23.22 -13.22
CA MET A 159 9.11 24.08 -12.17
C MET A 159 10.18 25.04 -11.63
N CYS A 160 11.42 25.00 -12.15
CA CYS A 160 12.52 25.71 -11.54
C CYS A 160 12.36 27.22 -11.69
N LYS A 161 12.64 27.97 -10.62
CA LYS A 161 12.99 29.38 -10.71
C LYS A 161 14.47 29.44 -11.02
N GLU A 162 14.88 30.39 -11.88
CA GLU A 162 16.28 30.63 -12.21
C GLU A 162 16.56 32.13 -12.25
N GLY A 163 17.86 32.47 -12.37
CA GLY A 163 18.31 33.85 -12.39
C GLY A 163 18.19 34.54 -11.03
N LEU A 164 18.11 33.73 -9.97
CA LEU A 164 17.89 34.22 -8.62
C LEU A 164 19.22 34.71 -8.07
N ARG A 165 19.37 36.04 -7.90
CA ARG A 165 20.54 36.62 -7.23
C ARG A 165 20.60 36.11 -5.79
N PRO A 166 21.80 36.02 -5.15
CA PRO A 166 21.88 35.42 -3.82
C PRO A 166 21.25 36.38 -2.81
N GLY A 167 20.13 35.96 -2.19
CA GLY A 167 19.36 36.79 -1.27
C GLY A 167 18.06 37.33 -1.87
N ASP A 168 17.85 37.20 -3.20
CA ASP A 168 16.55 37.41 -3.84
C ASP A 168 15.53 36.36 -3.40
N THR A 169 14.25 36.69 -3.65
CA THR A 169 13.11 35.79 -3.47
C THR A 169 12.21 35.90 -4.72
N THR A 170 11.21 35.01 -4.77
CA THR A 170 10.21 34.97 -5.83
C THR A 170 8.85 34.63 -5.21
N SER A 171 7.80 34.70 -6.04
CA SER A 171 6.42 34.86 -5.58
C SER A 171 5.44 33.84 -6.18
N TPO A 172 5.85 32.96 -7.11
CA TPO A 172 4.92 32.14 -7.88
CB TPO A 172 5.60 31.56 -9.12
CG2 TPO A 172 4.64 30.92 -10.10
OG1 TPO A 172 6.23 32.70 -9.78
P TPO A 172 7.72 32.64 -10.38
O1P TPO A 172 7.67 31.52 -11.43
O2P TPO A 172 7.96 34.03 -10.96
O3P TPO A 172 8.61 32.33 -9.22
C TPO A 172 4.37 31.00 -7.02
O TPO A 172 5.13 30.40 -6.27
N PHE A 173 3.07 30.70 -7.16
CA PHE A 173 2.39 29.67 -6.40
C PHE A 173 2.44 28.37 -7.20
N CYS A 174 3.47 27.56 -6.97
CA CYS A 174 3.72 26.36 -7.76
C CYS A 174 4.40 25.28 -6.95
N GLY A 175 4.33 24.05 -7.47
CA GLY A 175 4.87 22.86 -6.84
C GLY A 175 3.86 21.71 -6.89
N THR A 176 3.81 20.90 -5.83
CA THR A 176 2.93 19.76 -5.70
C THR A 176 2.31 19.79 -4.30
N PRO A 177 0.97 19.80 -4.12
CA PRO A 177 0.36 20.09 -2.82
C PRO A 177 0.94 19.41 -1.58
N ASN A 178 1.27 18.12 -1.71
CA ASN A 178 1.89 17.34 -0.64
C ASN A 178 3.19 17.98 -0.16
N TYR A 179 3.99 18.48 -1.10
CA TYR A 179 5.32 18.99 -0.83
C TYR A 179 5.37 20.51 -0.67
N ILE A 180 4.22 21.21 -0.80
CA ILE A 180 4.21 22.68 -0.79
C ILE A 180 4.60 23.16 0.61
N ALA A 181 5.38 24.25 0.66
CA ALA A 181 5.93 24.80 1.88
C ALA A 181 5.00 25.86 2.49
N PRO A 182 4.89 25.96 3.84
CA PRO A 182 4.12 27.02 4.50
C PRO A 182 4.29 28.46 4.04
N GLU A 183 5.50 28.83 3.60
CA GLU A 183 5.80 30.16 3.07
C GLU A 183 4.91 30.47 1.87
N ILE A 184 4.82 29.49 0.96
CA ILE A 184 4.06 29.62 -0.28
C ILE A 184 2.59 29.78 0.09
N LEU A 185 2.09 28.91 0.97
CA LEU A 185 0.70 28.92 1.44
C LEU A 185 0.35 30.20 2.19
N ARG A 186 1.28 30.75 2.99
CA ARG A 186 1.09 32.02 3.66
C ARG A 186 1.10 33.22 2.70
N GLY A 187 1.48 33.03 1.43
CA GLY A 187 1.49 34.10 0.42
C GLY A 187 2.77 34.92 0.46
N GLU A 188 3.78 34.45 1.21
CA GLU A 188 5.04 35.17 1.40
C GLU A 188 5.91 34.96 0.16
N ASP A 189 6.85 35.88 -0.07
CA ASP A 189 7.96 35.66 -0.98
C ASP A 189 8.88 34.60 -0.37
N TYR A 190 9.53 33.80 -1.22
CA TYR A 190 10.32 32.66 -0.78
C TYR A 190 11.55 32.50 -1.65
N GLY A 191 12.58 31.87 -1.08
CA GLY A 191 13.81 31.54 -1.76
C GLY A 191 14.01 30.03 -1.77
N PHE A 192 15.24 29.59 -1.50
CA PHE A 192 15.65 28.21 -1.59
C PHE A 192 14.99 27.37 -0.49
N SER A 193 14.55 28.00 0.60
CA SER A 193 13.96 27.32 1.76
C SER A 193 12.90 26.28 1.40
N VAL A 194 12.10 26.55 0.37
CA VAL A 194 11.02 25.66 -0.03
C VAL A 194 11.57 24.29 -0.42
N ASP A 195 12.75 24.23 -1.05
CA ASP A 195 13.36 22.96 -1.42
C ASP A 195 13.71 22.10 -0.20
N TRP A 196 14.16 22.72 0.89
CA TRP A 196 14.56 22.00 2.10
C TRP A 196 13.35 21.45 2.85
N TRP A 197 12.26 22.22 2.87
CA TRP A 197 10.97 21.75 3.36
C TRP A 197 10.56 20.46 2.62
N ALA A 198 10.61 20.50 1.29
CA ALA A 198 10.21 19.37 0.45
C ALA A 198 11.04 18.13 0.78
N LEU A 199 12.36 18.31 0.92
CA LEU A 199 13.25 17.23 1.29
C LEU A 199 12.81 16.61 2.63
N GLY A 200 12.42 17.46 3.59
CA GLY A 200 11.87 17.02 4.86
C GLY A 200 10.69 16.08 4.68
N VAL A 201 9.71 16.50 3.86
CA VAL A 201 8.55 15.70 3.52
C VAL A 201 9.01 14.41 2.88
N LEU A 202 9.96 14.50 1.93
CA LEU A 202 10.46 13.36 1.17
C LEU A 202 11.10 12.34 2.11
N MET A 203 11.94 12.84 3.04
CA MET A 203 12.61 12.01 4.04
C MET A 203 11.60 11.37 4.99
N PHE A 204 10.54 12.11 5.35
CA PHE A 204 9.48 11.58 6.19
C PHE A 204 8.89 10.35 5.51
N GLU A 205 8.53 10.49 4.23
CA GLU A 205 7.94 9.42 3.42
C GLU A 205 8.81 8.18 3.38
N MET A 206 10.14 8.37 3.25
CA MET A 206 11.07 7.26 3.12
C MET A 206 11.13 6.47 4.44
N MET A 207 11.23 7.19 5.56
CA MET A 207 11.48 6.58 6.86
C MET A 207 10.18 6.11 7.51
N ALA A 208 9.10 6.87 7.33
CA ALA A 208 7.79 6.56 7.91
C ALA A 208 6.98 5.63 7.03
N GLY A 209 7.14 5.73 5.70
CA GLY A 209 6.40 4.93 4.73
C GLY A 209 5.09 5.56 4.26
N ARG A 210 4.84 6.82 4.64
CA ARG A 210 3.64 7.57 4.25
C ARG A 210 3.96 9.05 4.36
N SER A 211 3.18 9.90 3.68
CA SER A 211 3.33 11.34 3.82
C SER A 211 2.99 11.76 5.24
N PRO A 212 3.54 12.87 5.78
CA PRO A 212 3.06 13.42 7.04
C PRO A 212 1.63 13.96 7.02
N PHE A 213 1.04 14.15 5.83
CA PHE A 213 -0.31 14.68 5.70
C PHE A 213 -1.24 13.64 5.05
N ASP A 214 -1.04 12.36 5.43
CA ASP A 214 -1.63 11.23 4.74
C ASP A 214 -3.11 11.07 5.05
N ILE A 215 -3.61 11.67 6.15
CA ILE A 215 -5.02 11.68 6.51
C ILE A 215 -5.91 12.29 5.41
N VAL A 216 -5.37 13.22 4.60
CA VAL A 216 -6.13 13.95 3.60
C VAL A 216 -6.41 13.02 2.40
N GLY A 217 -7.62 12.43 2.36
CA GLY A 217 -7.91 11.33 1.45
C GLY A 217 -8.87 10.31 2.05
N SER A 218 -8.74 10.04 3.37
CA SER A 218 -9.45 8.94 4.04
C SER A 218 -10.75 9.37 4.73
N SER A 219 -11.05 10.68 4.82
CA SER A 219 -12.11 11.20 5.68
C SER A 219 -13.50 10.93 5.09
N ASP A 220 -14.49 10.89 5.99
CA ASP A 220 -15.90 10.73 5.61
C ASP A 220 -16.46 12.01 5.00
N ASN A 221 -15.95 13.18 5.44
CA ASN A 221 -16.37 14.47 4.91
C ASN A 221 -15.67 14.71 3.56
N PRO A 222 -16.41 14.94 2.44
CA PRO A 222 -15.75 15.23 1.15
C PRO A 222 -14.87 16.47 1.17
N ASP A 223 -15.27 17.48 1.96
CA ASP A 223 -14.57 18.76 2.06
C ASP A 223 -13.24 18.68 2.81
N GLN A 224 -12.92 17.56 3.49
CA GLN A 224 -11.63 17.34 4.13
C GLN A 224 -10.75 16.36 3.35
N ASN A 225 -11.08 16.14 2.06
CA ASN A 225 -10.22 15.42 1.12
C ASN A 225 -9.89 16.37 -0.04
N THR A 226 -9.46 17.58 0.32
CA THR A 226 -9.39 18.72 -0.57
C THR A 226 -7.98 19.29 -0.44
N GLU A 227 -7.52 19.91 -1.53
CA GLU A 227 -6.25 20.62 -1.57
C GLU A 227 -6.22 21.71 -0.50
N ASP A 228 -7.31 22.47 -0.37
CA ASP A 228 -7.45 23.49 0.66
C ASP A 228 -7.36 22.93 2.07
N TYR A 229 -7.92 21.73 2.33
CA TYR A 229 -7.82 21.10 3.65
C TYR A 229 -6.39 20.63 3.91
N LEU A 230 -5.69 20.15 2.87
CA LEU A 230 -4.27 19.80 2.98
C LEU A 230 -3.46 21.02 3.38
N PHE A 231 -3.70 22.16 2.71
CA PHE A 231 -2.97 23.39 2.97
C PHE A 231 -3.20 23.89 4.39
N GLN A 232 -4.43 23.73 4.90
CA GLN A 232 -4.75 24.02 6.29
C GLN A 232 -3.93 23.14 7.24
N VAL A 233 -3.85 21.84 6.93
CA VAL A 233 -3.10 20.87 7.71
C VAL A 233 -1.60 21.18 7.68
N ILE A 234 -1.06 21.56 6.52
CA ILE A 234 0.35 21.90 6.39
C ILE A 234 0.67 23.09 7.30
N LEU A 235 -0.23 24.07 7.40
CA LEU A 235 0.02 25.31 8.11
C LEU A 235 -0.15 25.15 9.62
N GLU A 236 -1.22 24.46 10.06
CA GLU A 236 -1.70 24.58 11.43
C GLU A 236 -1.52 23.32 12.27
N LYS A 237 -1.51 22.13 11.67
CA LYS A 237 -1.43 20.89 12.43
C LYS A 237 0.04 20.52 12.66
N GLN A 238 0.31 19.92 13.83
CA GLN A 238 1.66 19.55 14.22
C GLN A 238 1.96 18.19 13.61
N ILE A 239 3.16 18.05 13.04
CA ILE A 239 3.61 16.84 12.39
C ILE A 239 4.17 15.90 13.45
N ARG A 240 3.47 14.79 13.73
CA ARG A 240 3.91 13.82 14.72
C ARG A 240 4.87 12.81 14.07
N ILE A 241 6.05 12.63 14.68
CA ILE A 241 7.09 11.73 14.20
C ILE A 241 6.79 10.32 14.74
N PRO A 242 6.83 9.25 13.92
CA PRO A 242 6.63 7.88 14.44
C PRO A 242 7.69 7.46 15.45
N ARG A 243 7.25 6.68 16.46
CA ARG A 243 8.07 6.35 17.62
C ARG A 243 9.27 5.49 17.22
N SER A 244 9.13 4.67 16.16
CA SER A 244 10.19 3.81 15.64
C SER A 244 11.48 4.57 15.34
N LEU A 245 11.34 5.76 14.75
CA LEU A 245 12.48 6.50 14.21
C LEU A 245 13.34 7.05 15.36
N SER A 246 14.66 7.06 15.14
CA SER A 246 15.65 7.38 16.16
C SER A 246 15.59 8.86 16.53
N VAL A 247 16.35 9.26 17.55
CA VAL A 247 16.45 10.65 17.97
C VAL A 247 16.99 11.53 16.83
N LYS A 248 17.95 11.01 16.05
CA LYS A 248 18.58 11.74 14.96
C LYS A 248 17.59 11.98 13.82
N ALA A 249 16.88 10.91 13.43
CA ALA A 249 15.82 10.98 12.43
C ALA A 249 14.77 12.00 12.84
N ALA A 250 14.22 11.85 14.05
CA ALA A 250 13.20 12.75 14.57
C ALA A 250 13.65 14.20 14.52
N SER A 251 14.92 14.45 14.85
CA SER A 251 15.47 15.80 14.86
C SER A 251 15.52 16.39 13.45
N VAL A 252 16.07 15.64 12.48
CA VAL A 252 16.27 16.16 11.13
C VAL A 252 14.91 16.41 10.46
N LEU A 253 13.94 15.48 10.64
CA LEU A 253 12.60 15.65 10.09
C LEU A 253 11.91 16.88 10.70
N LYS A 254 11.94 17.01 12.03
CA LYS A 254 11.37 18.18 12.70
C LYS A 254 12.12 19.47 12.35
N SER A 255 13.42 19.39 12.05
CA SER A 255 14.22 20.56 11.74
C SER A 255 13.97 21.01 10.30
N PHE A 256 13.89 20.05 9.36
CA PHE A 256 13.56 20.35 7.98
C PHE A 256 12.09 20.74 7.83
N LEU A 257 11.19 20.19 8.68
CA LEU A 257 9.77 20.53 8.64
C LEU A 257 9.40 21.60 9.66
N ASN A 258 10.33 22.55 9.93
CA ASN A 258 10.01 23.73 10.72
C ASN A 258 9.17 24.66 9.84
N LYS A 259 8.03 25.12 10.37
CA LYS A 259 7.09 25.91 9.57
C LYS A 259 7.67 27.28 9.25
N ASP A 260 8.50 27.83 10.15
CA ASP A 260 9.21 29.10 9.94
C ASP A 260 10.44 28.87 9.06
N PRO A 261 10.55 29.46 7.84
CA PRO A 261 11.72 29.27 7.00
C PRO A 261 13.02 29.85 7.57
N LYS A 262 12.91 30.96 8.33
CA LYS A 262 14.03 31.59 9.00
C LYS A 262 14.79 30.56 9.85
N GLU A 263 14.06 29.71 10.57
CA GLU A 263 14.63 28.80 11.56
C GLU A 263 14.60 27.35 11.08
N ARG A 264 14.56 27.11 9.76
CA ARG A 264 14.51 25.76 9.20
C ARG A 264 15.93 25.32 8.81
N LEU A 265 16.20 24.02 8.93
CA LEU A 265 17.47 23.45 8.55
C LEU A 265 17.71 23.70 7.06
N GLY A 266 18.92 24.16 6.70
CA GLY A 266 19.30 24.36 5.31
C GLY A 266 19.16 25.80 4.83
N CYS A 267 18.50 26.66 5.63
CA CYS A 267 17.91 27.91 5.16
C CYS A 267 18.64 29.15 5.69
N HIS A 268 19.61 29.00 6.59
CA HIS A 268 20.49 30.10 6.96
C HIS A 268 21.20 30.58 5.69
N PRO A 269 21.13 31.88 5.31
CA PRO A 269 21.70 32.32 4.02
C PRO A 269 23.21 32.16 3.89
N GLN A 270 23.93 32.17 5.03
CA GLN A 270 25.36 31.92 5.09
C GLN A 270 25.64 30.42 5.20
N THR A 271 25.18 29.78 6.29
CA THR A 271 25.68 28.49 6.75
C THR A 271 24.69 27.36 6.45
N GLY A 272 23.81 27.51 5.45
CA GLY A 272 22.65 26.65 5.28
C GLY A 272 23.01 25.18 5.03
N PHE A 273 23.79 24.94 3.96
CA PHE A 273 24.19 23.60 3.58
C PHE A 273 25.16 23.01 4.60
N ALA A 274 26.07 23.83 5.14
CA ALA A 274 26.97 23.42 6.21
C ALA A 274 26.18 22.86 7.41
N ASP A 275 25.09 23.55 7.80
CA ASP A 275 24.25 23.12 8.90
C ASP A 275 23.65 21.73 8.64
N ILE A 276 23.30 21.43 7.37
CA ILE A 276 22.80 20.11 6.99
C ILE A 276 23.90 19.07 7.18
N GLN A 277 25.11 19.35 6.67
CA GLN A 277 26.26 18.46 6.79
C GLN A 277 26.63 18.17 8.25
N GLY A 278 26.46 19.18 9.13
CA GLY A 278 26.79 19.05 10.54
C GLY A 278 25.67 18.46 11.41
N HIS A 279 24.50 18.12 10.84
CA HIS A 279 23.41 17.55 11.63
C HIS A 279 23.79 16.13 12.06
N PRO A 280 23.52 15.71 13.33
CA PRO A 280 23.84 14.34 13.77
C PRO A 280 23.36 13.20 12.87
N PHE A 281 22.20 13.41 12.21
CA PHE A 281 21.64 12.49 11.23
C PHE A 281 22.62 12.19 10.10
N PHE A 282 23.44 13.18 9.68
CA PHE A 282 24.49 13.00 8.68
C PHE A 282 25.87 13.07 9.35
N ARG A 283 26.10 12.24 10.37
CA ARG A 283 27.39 12.24 11.06
C ARG A 283 28.42 11.54 10.20
N ASN A 284 28.13 10.30 9.77
CA ASN A 284 29.12 9.44 9.13
C ASN A 284 29.14 9.58 7.60
N VAL A 285 28.45 10.58 7.02
CA VAL A 285 28.43 10.80 5.59
C VAL A 285 29.73 11.48 5.15
N ASP A 286 30.48 10.83 4.25
CA ASP A 286 31.64 11.42 3.59
C ASP A 286 31.17 12.15 2.35
N TRP A 287 30.96 13.47 2.49
CA TRP A 287 30.26 14.27 1.49
C TRP A 287 31.03 14.39 0.17
N ASP A 288 32.37 14.43 0.24
CA ASP A 288 33.20 14.45 -0.96
C ASP A 288 33.09 13.11 -1.68
N MET A 289 33.19 11.99 -0.95
CA MET A 289 33.06 10.65 -1.53
C MET A 289 31.64 10.41 -2.06
N MET A 290 30.63 10.88 -1.33
CA MET A 290 29.24 10.85 -1.78
C MET A 290 29.14 11.47 -3.18
N GLU A 291 29.66 12.70 -3.33
CA GLU A 291 29.54 13.49 -4.54
C GLU A 291 30.32 12.90 -5.72
N GLN A 292 31.46 12.26 -5.43
CA GLN A 292 32.26 11.57 -6.44
C GLN A 292 31.72 10.17 -6.74
N LYS A 293 30.54 9.80 -6.19
CA LYS A 293 29.88 8.53 -6.43
C LYS A 293 30.71 7.35 -5.91
N GLN A 294 31.43 7.57 -4.79
CA GLN A 294 32.32 6.58 -4.21
C GLN A 294 31.71 5.87 -3.00
N VAL A 295 30.54 6.32 -2.51
CA VAL A 295 29.82 5.61 -1.47
C VAL A 295 28.93 4.57 -2.16
N VAL A 296 29.06 3.29 -1.72
CA VAL A 296 28.38 2.15 -2.32
C VAL A 296 26.90 2.30 -1.98
N PRO A 297 25.98 2.42 -2.98
CA PRO A 297 24.54 2.57 -2.69
C PRO A 297 23.99 1.39 -1.89
N PRO A 298 22.96 1.61 -1.05
CA PRO A 298 22.38 0.53 -0.24
C PRO A 298 21.57 -0.50 -1.03
N PHE A 299 21.07 -0.09 -2.22
CA PHE A 299 20.26 -0.94 -3.07
C PHE A 299 20.77 -0.82 -4.52
N LYS A 300 20.99 -1.99 -5.16
CA LYS A 300 21.31 -2.11 -6.57
C LYS A 300 20.04 -2.50 -7.33
N PRO A 301 19.42 -1.63 -8.17
CA PRO A 301 18.21 -2.01 -8.91
C PRO A 301 18.50 -3.11 -9.93
N ASN A 302 17.52 -3.99 -10.16
CA ASN A 302 17.65 -5.10 -11.09
C ASN A 302 17.49 -4.56 -12.52
N ILE A 303 18.53 -4.81 -13.34
CA ILE A 303 18.58 -4.47 -14.75
C ILE A 303 18.59 -5.79 -15.50
N SER A 304 17.63 -5.99 -16.42
CA SER A 304 17.47 -7.25 -17.14
C SER A 304 17.15 -7.00 -18.61
N GLY A 305 17.58 -7.92 -19.48
CA GLY A 305 17.30 -7.83 -20.91
C GLY A 305 18.18 -6.79 -21.60
N GLU A 306 17.82 -6.46 -22.85
CA GLU A 306 18.64 -5.61 -23.71
C GLU A 306 18.72 -4.18 -23.19
N PHE A 307 17.64 -3.66 -22.58
CA PHE A 307 17.53 -2.24 -22.23
C PHE A 307 17.25 -1.96 -20.75
N GLY A 308 16.94 -2.97 -19.92
CA GLY A 308 16.74 -2.75 -18.50
C GLY A 308 15.40 -2.10 -18.17
N LEU A 309 14.32 -2.57 -18.81
CA LEU A 309 12.98 -1.99 -18.69
C LEU A 309 12.25 -2.51 -17.44
N ASP A 310 12.93 -3.34 -16.62
CA ASP A 310 12.41 -3.93 -15.40
C ASP A 310 11.70 -2.92 -14.49
N ASN A 311 12.28 -1.71 -14.32
CA ASN A 311 11.86 -0.78 -13.28
C ASN A 311 10.95 0.33 -13.82
N PHE A 312 10.33 0.12 -14.98
CA PHE A 312 9.28 0.98 -15.50
C PHE A 312 7.96 0.22 -15.42
N ASP A 313 6.91 0.89 -14.91
CA ASP A 313 5.61 0.29 -14.67
C ASP A 313 5.03 -0.23 -16.00
N SER A 314 4.44 -1.43 -15.93
CA SER A 314 4.09 -2.22 -17.10
C SER A 314 3.03 -1.53 -17.98
N GLN A 315 2.14 -0.73 -17.36
CA GLN A 315 1.14 0.06 -18.08
C GLN A 315 1.77 0.93 -19.18
N PHE A 316 2.96 1.49 -18.90
CA PHE A 316 3.73 2.28 -19.86
C PHE A 316 4.38 1.39 -20.93
N THR A 317 5.09 0.31 -20.52
CA THR A 317 5.91 -0.50 -21.42
C THR A 317 5.05 -1.38 -22.34
N ASN A 318 3.81 -1.71 -21.93
CA ASN A 318 2.88 -2.48 -22.78
C ASN A 318 2.33 -1.66 -23.94
N GLU A 319 2.21 -0.33 -23.75
CA GLU A 319 1.63 0.58 -24.72
C GLU A 319 2.43 0.54 -26.03
N PRO A 320 1.78 0.59 -27.22
CA PRO A 320 2.48 0.36 -28.49
C PRO A 320 3.44 1.49 -28.82
N VAL A 321 4.48 1.16 -29.59
CA VAL A 321 5.60 2.06 -29.82
C VAL A 321 5.30 2.87 -31.09
N GLN A 322 4.51 3.94 -30.91
CA GLN A 322 4.23 4.92 -31.95
C GLN A 322 4.21 6.33 -31.35
N LEU A 323 4.20 7.33 -32.25
CA LEU A 323 3.67 8.64 -31.93
C LEU A 323 2.29 8.75 -32.58
N TPO A 324 1.32 9.22 -31.80
CA TPO A 324 -0.08 9.25 -32.18
CB TPO A 324 -0.94 9.85 -31.06
CG2 TPO A 324 -2.42 9.81 -31.36
OG1 TPO A 324 -0.70 9.06 -29.84
P TPO A 324 0.17 9.66 -28.62
O1P TPO A 324 -0.63 10.82 -28.10
O2P TPO A 324 0.33 8.58 -27.58
O3P TPO A 324 1.49 10.07 -29.23
C TPO A 324 -0.22 10.08 -33.46
O TPO A 324 0.34 11.17 -33.53
N PRO A 325 -0.89 9.58 -34.52
CA PRO A 325 -1.15 10.41 -35.71
C PRO A 325 -1.74 11.78 -35.35
N ASP A 326 -1.29 12.83 -36.06
CA ASP A 326 -1.76 14.19 -35.81
C ASP A 326 -3.17 14.39 -36.36
N ASP A 327 -3.86 15.39 -35.82
CA ASP A 327 -5.17 15.80 -36.26
C ASP A 327 -5.02 17.25 -36.70
N ASP A 328 -5.19 17.51 -38.01
CA ASP A 328 -4.80 18.77 -38.62
C ASP A 328 -5.71 19.92 -38.20
N ASP A 329 -6.93 19.64 -37.72
CA ASP A 329 -7.82 20.65 -37.15
C ASP A 329 -7.25 21.22 -35.86
N ILE A 330 -6.48 20.43 -35.09
CA ILE A 330 -5.84 20.89 -33.86
C ILE A 330 -4.48 21.51 -34.19
N VAL A 331 -3.69 20.89 -35.08
CA VAL A 331 -2.31 21.29 -35.36
C VAL A 331 -2.24 22.63 -36.08
N ARG A 332 -3.20 22.91 -37.00
CA ARG A 332 -3.22 24.17 -37.73
C ARG A 332 -3.52 25.37 -36.83
N LYS A 333 -4.11 25.12 -35.63
CA LYS A 333 -4.47 26.18 -34.70
C LYS A 333 -3.29 26.65 -33.84
N ILE A 334 -2.09 26.04 -33.97
CA ILE A 334 -0.99 26.26 -33.05
C ILE A 334 -0.19 27.49 -33.49
N ASP A 335 0.29 28.28 -32.51
CA ASP A 335 1.25 29.36 -32.71
C ASP A 335 2.66 28.77 -32.71
N GLN A 336 3.24 28.59 -33.91
CA GLN A 336 4.60 28.06 -34.07
C GLN A 336 5.65 29.09 -33.67
N SER A 337 5.33 30.39 -33.81
CA SER A 337 6.14 31.52 -33.40
C SER A 337 6.66 31.42 -31.96
N GLU A 338 5.89 30.80 -31.05
CA GLU A 338 6.29 30.70 -29.66
C GLU A 338 7.42 29.69 -29.43
N PHE A 339 7.75 28.81 -30.40
CA PHE A 339 8.77 27.78 -30.23
C PHE A 339 9.91 27.94 -31.24
N GLU A 340 10.17 29.18 -31.72
CA GLU A 340 11.33 29.43 -32.56
C GLU A 340 12.58 29.44 -31.67
N GLY A 341 13.69 28.91 -32.21
CA GLY A 341 14.95 28.79 -31.49
C GLY A 341 14.90 27.74 -30.36
N PHE A 342 14.05 26.72 -30.52
CA PHE A 342 13.94 25.63 -29.56
C PHE A 342 15.07 24.62 -29.76
N GLU A 343 15.55 24.46 -31.02
CA GLU A 343 16.54 23.44 -31.36
C GLU A 343 17.83 23.67 -30.56
N TYR A 344 18.45 22.56 -30.15
CA TYR A 344 19.70 22.57 -29.39
C TYR A 344 20.39 21.23 -29.63
N ILE A 345 21.72 21.29 -29.82
CA ILE A 345 22.61 20.14 -29.83
C ILE A 345 23.66 20.43 -28.76
N ASN A 346 23.86 19.48 -27.82
CA ASN A 346 24.85 19.63 -26.75
C ASN A 346 26.26 19.70 -27.34
N PRO A 347 27.10 20.71 -26.99
CA PRO A 347 28.50 20.76 -27.45
C PRO A 347 29.33 19.60 -26.88
N LEU A 348 29.08 18.39 -27.43
CA LEU A 348 29.62 17.10 -27.05
C LEU A 348 30.51 17.16 -25.78
N LEU B 9 -18.01 3.30 28.63
CA LEU B 9 -18.02 1.86 28.99
C LEU B 9 -16.58 1.36 29.17
N GLY B 10 -16.38 0.42 30.10
CA GLY B 10 -15.06 -0.05 30.53
C GLY B 10 -15.13 -1.47 31.08
N LEU B 11 -13.99 -1.96 31.61
CA LEU B 11 -13.83 -3.35 32.04
C LEU B 11 -14.64 -3.63 33.30
N GLN B 12 -14.84 -2.59 34.14
CA GLN B 12 -15.64 -2.69 35.36
C GLN B 12 -17.08 -3.13 35.06
N ASP B 13 -17.61 -2.74 33.89
CA ASP B 13 -18.98 -3.03 33.49
C ASP B 13 -19.17 -4.45 32.93
N PHE B 14 -18.17 -5.34 33.06
CA PHE B 14 -18.27 -6.73 32.61
C PHE B 14 -17.86 -7.68 33.73
N ASP B 15 -18.63 -8.77 33.89
CA ASP B 15 -18.29 -9.92 34.72
C ASP B 15 -17.63 -10.94 33.80
N LEU B 16 -16.33 -11.22 34.00
CA LEU B 16 -15.58 -12.16 33.18
C LEU B 16 -15.93 -13.58 33.63
N LEU B 17 -16.23 -14.45 32.66
CA LEU B 17 -16.86 -15.75 32.92
C LEU B 17 -15.91 -16.90 32.59
N ARG B 18 -15.33 -16.89 31.39
CA ARG B 18 -14.46 -17.95 30.92
C ARG B 18 -13.61 -17.47 29.74
N VAL B 19 -12.43 -18.07 29.57
CA VAL B 19 -11.60 -17.89 28.39
C VAL B 19 -12.12 -18.86 27.33
N ILE B 20 -12.30 -18.40 26.07
CA ILE B 20 -12.90 -19.22 25.03
C ILE B 20 -12.06 -19.29 23.75
N GLY B 21 -10.96 -18.51 23.65
CA GLY B 21 -10.25 -18.37 22.38
C GLY B 21 -8.97 -17.57 22.52
N ARG B 22 -8.07 -17.76 21.54
CA ARG B 22 -6.76 -17.14 21.51
C ARG B 22 -6.24 -17.17 20.07
N GLY B 23 -6.00 -15.97 19.51
CA GLY B 23 -5.21 -15.82 18.30
C GLY B 23 -3.76 -15.49 18.62
N SER B 24 -3.02 -15.06 17.58
CA SER B 24 -1.67 -14.54 17.74
C SER B 24 -1.67 -13.23 18.52
N TYR B 25 -2.61 -12.34 18.15
CA TYR B 25 -2.72 -10.99 18.70
C TYR B 25 -3.59 -10.99 19.96
N ALA B 26 -4.68 -11.77 19.97
CA ALA B 26 -5.79 -11.57 20.89
C ALA B 26 -6.00 -12.75 21.83
N LYS B 27 -6.66 -12.46 22.98
CA LYS B 27 -7.27 -13.43 23.87
C LYS B 27 -8.76 -13.14 23.92
N VAL B 28 -9.62 -14.17 23.88
CA VAL B 28 -11.06 -14.02 23.81
C VAL B 28 -11.69 -14.58 25.09
N LEU B 29 -12.67 -13.85 25.65
CA LEU B 29 -13.38 -14.26 26.84
C LEU B 29 -14.88 -14.16 26.61
N LEU B 30 -15.62 -15.03 27.29
CA LEU B 30 -17.05 -14.85 27.53
C LEU B 30 -17.23 -13.89 28.69
N VAL B 31 -18.06 -12.86 28.50
CA VAL B 31 -18.33 -11.84 29.51
C VAL B 31 -19.83 -11.60 29.60
N ARG B 32 -20.28 -11.03 30.73
CA ARG B 32 -21.65 -10.61 30.94
C ARG B 32 -21.67 -9.12 31.24
N LEU B 33 -22.58 -8.37 30.58
CA LEU B 33 -22.77 -6.95 30.87
C LEU B 33 -23.56 -6.82 32.19
N LYS B 34 -22.98 -6.08 33.16
CA LYS B 34 -23.20 -6.27 34.59
C LYS B 34 -24.65 -6.05 35.05
N LYS B 35 -25.35 -5.02 34.54
CA LYS B 35 -26.70 -4.74 35.03
C LYS B 35 -27.75 -5.33 34.10
N THR B 36 -27.42 -6.43 33.40
CA THR B 36 -28.25 -7.09 32.40
C THR B 36 -27.98 -8.60 32.45
N ASP B 37 -28.76 -9.38 31.69
CA ASP B 37 -28.53 -10.81 31.51
C ASP B 37 -27.69 -11.12 30.27
N ARG B 38 -27.18 -10.10 29.57
CA ARG B 38 -26.68 -10.25 28.21
C ARG B 38 -25.20 -10.63 28.26
N ILE B 39 -24.83 -11.72 27.55
CA ILE B 39 -23.48 -12.24 27.51
C ILE B 39 -22.89 -11.93 26.13
N TYR B 40 -21.60 -11.60 26.10
CA TYR B 40 -20.88 -11.21 24.89
C TYR B 40 -19.52 -11.88 24.87
N ALA B 41 -18.85 -11.81 23.71
CA ALA B 41 -17.48 -12.24 23.54
C ALA B 41 -16.59 -11.00 23.57
N MET B 42 -15.46 -11.08 24.29
CA MET B 42 -14.58 -9.94 24.49
C MET B 42 -13.19 -10.27 23.98
N LYS B 43 -12.79 -9.64 22.86
CA LYS B 43 -11.49 -9.84 22.25
C LYS B 43 -10.51 -8.84 22.86
N VAL B 44 -9.49 -9.35 23.56
CA VAL B 44 -8.53 -8.55 24.32
C VAL B 44 -7.21 -8.58 23.56
N VAL B 45 -6.81 -7.42 23.00
CA VAL B 45 -5.54 -7.26 22.31
C VAL B 45 -4.64 -6.41 23.21
N LYS B 46 -3.49 -6.96 23.60
CA LYS B 46 -2.48 -6.23 24.38
C LYS B 46 -1.75 -5.25 23.46
N LYS B 47 -1.58 -4.00 23.93
CA LYS B 47 -0.93 -2.93 23.17
C LYS B 47 0.57 -3.18 22.96
N GLU B 48 1.17 -3.96 23.87
CA GLU B 48 2.53 -4.50 23.77
C GLU B 48 2.81 -5.13 22.40
N LEU B 49 1.81 -5.82 21.82
CA LEU B 49 1.93 -6.55 20.57
C LEU B 49 1.78 -5.66 19.34
N VAL B 50 1.14 -4.48 19.46
CA VAL B 50 0.74 -3.68 18.30
C VAL B 50 1.72 -2.51 18.14
N ASN B 51 2.46 -2.55 17.00
CA ASN B 51 3.48 -1.57 16.62
C ASN B 51 2.83 -0.26 16.14
N ASP B 52 3.61 0.59 15.42
CA ASP B 52 3.14 1.87 14.90
C ASP B 52 2.76 1.80 13.42
N ASP B 53 3.38 0.90 12.63
CA ASP B 53 3.40 1.03 11.17
C ASP B 53 1.99 0.85 10.60
N GLU B 54 1.43 -0.36 10.79
CA GLU B 54 0.13 -0.72 10.24
C GLU B 54 -0.68 -1.58 11.22
N ASP B 55 -0.40 -1.47 12.54
CA ASP B 55 -1.16 -2.15 13.58
C ASP B 55 -2.25 -1.21 14.12
N ILE B 56 -2.02 0.11 14.11
CA ILE B 56 -3.10 1.10 14.29
C ILE B 56 -4.10 1.05 13.12
N ASP B 57 -3.62 0.84 11.88
CA ASP B 57 -4.47 0.73 10.71
C ASP B 57 -5.34 -0.53 10.78
N TRP B 58 -4.76 -1.65 11.28
CA TRP B 58 -5.47 -2.91 11.51
C TRP B 58 -6.71 -2.72 12.38
N VAL B 59 -6.58 -1.88 13.42
CA VAL B 59 -7.63 -1.58 14.38
C VAL B 59 -8.69 -0.65 13.78
N GLN B 60 -8.29 0.40 13.05
CA GLN B 60 -9.25 1.30 12.41
C GLN B 60 -10.07 0.58 11.33
N THR B 61 -9.44 -0.31 10.55
CA THR B 61 -10.11 -1.10 9.53
C THR B 61 -11.11 -2.06 10.19
N GLU B 62 -10.64 -2.80 11.20
CA GLU B 62 -11.48 -3.72 11.95
C GLU B 62 -12.74 -3.03 12.46
N LYS B 63 -12.60 -1.81 13.00
CA LYS B 63 -13.74 -0.98 13.39
C LYS B 63 -14.64 -0.69 12.20
N HIS B 64 -14.05 -0.22 11.08
CA HIS B 64 -14.83 0.18 9.90
C HIS B 64 -15.65 -0.99 9.33
N VAL B 65 -15.10 -2.21 9.32
CA VAL B 65 -15.80 -3.35 8.73
C VAL B 65 -16.87 -3.84 9.71
N PHE B 66 -16.61 -3.83 11.03
CA PHE B 66 -17.63 -4.11 12.04
C PHE B 66 -18.89 -3.27 11.83
N GLU B 67 -18.74 -2.00 11.39
CA GLU B 67 -19.85 -1.10 11.12
C GLU B 67 -20.65 -1.57 9.90
N GLN B 68 -19.98 -1.96 8.80
CA GLN B 68 -20.60 -2.61 7.65
C GLN B 68 -21.21 -3.98 7.99
N ALA B 69 -20.65 -4.69 8.96
CA ALA B 69 -21.00 -6.08 9.26
C ALA B 69 -22.39 -6.24 9.89
N SER B 70 -22.93 -5.20 10.54
CA SER B 70 -24.13 -5.34 11.36
C SER B 70 -25.41 -5.52 10.55
N ASN B 71 -25.38 -5.26 9.22
CA ASN B 71 -26.48 -5.56 8.31
C ASN B 71 -26.12 -6.74 7.40
N HIS B 72 -25.52 -7.80 7.98
CA HIS B 72 -25.41 -9.10 7.33
C HIS B 72 -25.50 -10.23 8.36
N PRO B 73 -26.31 -11.30 8.10
CA PRO B 73 -26.52 -12.37 9.09
C PRO B 73 -25.36 -13.34 9.36
N PHE B 74 -24.39 -13.39 8.44
CA PHE B 74 -23.22 -14.25 8.52
C PHE B 74 -21.97 -13.44 8.82
N LEU B 75 -22.12 -12.26 9.46
CA LEU B 75 -21.01 -11.44 9.91
C LEU B 75 -21.29 -11.03 11.36
N VAL B 76 -20.22 -11.02 12.18
CA VAL B 76 -20.30 -10.68 13.59
C VAL B 76 -20.43 -9.16 13.74
N GLY B 77 -21.42 -8.74 14.53
CA GLY B 77 -21.55 -7.34 14.97
C GLY B 77 -20.70 -7.04 16.20
N LEU B 78 -20.51 -5.73 16.41
CA LEU B 78 -19.72 -5.16 17.49
C LEU B 78 -20.64 -4.44 18.46
N HIS B 79 -20.62 -4.85 19.73
CA HIS B 79 -21.35 -4.16 20.78
C HIS B 79 -20.64 -2.83 21.10
N SER B 80 -19.34 -2.90 21.44
CA SER B 80 -18.62 -1.74 21.96
C SER B 80 -17.10 -1.94 21.94
N CYS B 81 -16.38 -0.81 22.06
CA CYS B 81 -14.93 -0.75 22.17
C CYS B 81 -14.52 0.07 23.40
N PHE B 82 -13.47 -0.37 24.10
CA PHE B 82 -12.84 0.43 25.13
C PHE B 82 -11.39 -0.03 25.36
N GLN B 83 -10.68 0.71 26.22
CA GLN B 83 -9.27 0.43 26.51
C GLN B 83 -8.97 0.67 27.99
N THR B 84 -8.07 -0.17 28.54
CA THR B 84 -7.22 0.16 29.68
C THR B 84 -5.92 0.73 29.13
N GLU B 85 -4.96 1.02 30.01
CA GLU B 85 -3.66 1.56 29.59
C GLU B 85 -2.88 0.56 28.73
N SER B 86 -3.09 -0.76 28.95
CA SER B 86 -2.30 -1.82 28.35
C SER B 86 -2.99 -2.58 27.22
N ARG B 87 -4.33 -2.47 27.07
CA ARG B 87 -5.10 -3.37 26.20
C ARG B 87 -6.21 -2.62 25.44
N LEU B 88 -6.55 -3.12 24.24
CA LEU B 88 -7.77 -2.75 23.51
C LEU B 88 -8.79 -3.87 23.66
N PHE B 89 -10.06 -3.49 23.88
CA PHE B 89 -11.16 -4.43 24.08
C PHE B 89 -12.23 -4.23 23.00
N PHE B 90 -12.58 -5.32 22.31
CA PHE B 90 -13.75 -5.37 21.43
C PHE B 90 -14.79 -6.27 22.07
N VAL B 91 -16.00 -5.75 22.29
CA VAL B 91 -17.13 -6.55 22.73
C VAL B 91 -17.99 -6.85 21.50
N ILE B 92 -18.07 -8.14 21.15
CA ILE B 92 -18.74 -8.62 19.96
C ILE B 92 -19.75 -9.69 20.37
N GLU B 93 -20.60 -10.08 19.41
CA GLU B 93 -21.58 -11.15 19.57
C GLU B 93 -20.91 -12.44 20.06
N TYR B 94 -21.48 -13.10 21.07
CA TYR B 94 -21.07 -14.44 21.48
C TYR B 94 -21.69 -15.44 20.51
N VAL B 95 -20.83 -16.22 19.84
CA VAL B 95 -21.23 -17.21 18.85
C VAL B 95 -20.65 -18.54 19.32
N ASN B 96 -21.53 -19.47 19.72
CA ASN B 96 -21.18 -20.50 20.69
C ASN B 96 -21.29 -21.92 20.13
N GLY B 97 -21.34 -22.07 18.79
CA GLY B 97 -21.38 -23.36 18.13
C GLY B 97 -20.00 -23.90 17.73
N GLY B 98 -18.91 -23.22 18.12
CA GLY B 98 -17.56 -23.64 17.77
C GLY B 98 -17.13 -23.06 16.44
N ASP B 99 -15.92 -23.42 15.99
CA ASP B 99 -15.41 -23.05 14.68
C ASP B 99 -15.26 -24.32 13.82
N LEU B 100 -15.05 -24.11 12.52
CA LEU B 100 -14.99 -25.22 11.57
C LEU B 100 -13.74 -26.07 11.79
N MET B 101 -12.65 -25.50 12.35
CA MET B 101 -11.49 -26.30 12.76
C MET B 101 -11.90 -27.25 13.89
N PHE B 102 -12.55 -26.71 14.93
CA PHE B 102 -13.01 -27.50 16.06
C PHE B 102 -13.94 -28.61 15.56
N HIS B 103 -14.86 -28.27 14.65
CA HIS B 103 -15.79 -29.23 14.06
C HIS B 103 -15.08 -30.24 13.16
N MET B 104 -14.10 -29.80 12.36
CA MET B 104 -13.35 -30.72 11.51
C MET B 104 -12.57 -31.74 12.33
N GLN B 105 -12.03 -31.34 13.48
CA GLN B 105 -11.25 -32.23 14.34
C GLN B 105 -12.11 -33.38 14.89
N ARG B 106 -13.39 -33.12 15.17
CA ARG B 106 -14.30 -34.14 15.71
C ARG B 106 -14.73 -35.14 14.62
N GLN B 107 -14.95 -34.66 13.39
CA GLN B 107 -15.54 -35.41 12.28
C GLN B 107 -14.65 -35.18 11.07
N ARG B 108 -13.74 -36.13 10.78
CA ARG B 108 -12.56 -35.88 9.96
C ARG B 108 -12.92 -35.31 8.58
N LYS B 109 -13.83 -35.98 7.84
CA LYS B 109 -14.37 -35.49 6.58
C LYS B 109 -15.82 -35.07 6.81
N LEU B 110 -16.28 -34.08 6.03
CA LEU B 110 -17.67 -33.63 6.04
C LEU B 110 -18.37 -34.18 4.82
N PRO B 111 -19.68 -34.55 4.92
CA PRO B 111 -20.50 -34.80 3.75
C PRO B 111 -20.54 -33.60 2.81
N GLU B 112 -20.76 -33.87 1.53
CA GLU B 112 -20.74 -32.86 0.48
C GLU B 112 -21.87 -31.84 0.68
N GLU B 113 -23.06 -32.29 1.10
CA GLU B 113 -24.20 -31.40 1.31
C GLU B 113 -23.89 -30.41 2.45
N HIS B 114 -23.18 -30.85 3.50
CA HIS B 114 -22.74 -29.95 4.57
C HIS B 114 -21.76 -28.91 4.03
N ALA B 115 -20.75 -29.40 3.28
CA ALA B 115 -19.75 -28.55 2.65
C ALA B 115 -20.38 -27.55 1.69
N ARG B 116 -21.44 -27.96 0.97
CA ARG B 116 -22.19 -27.08 0.09
C ARG B 116 -22.88 -25.98 0.90
N PHE B 117 -23.53 -26.37 2.03
CA PHE B 117 -24.28 -25.42 2.83
C PHE B 117 -23.34 -24.34 3.37
N TYR B 118 -22.24 -24.77 4.02
CA TYR B 118 -21.32 -23.87 4.68
C TYR B 118 -20.62 -22.95 3.67
N SER B 119 -20.24 -23.50 2.50
CA SER B 119 -19.54 -22.71 1.48
C SER B 119 -20.47 -21.71 0.77
N ALA B 120 -21.77 -22.04 0.66
CA ALA B 120 -22.76 -21.10 0.16
C ALA B 120 -22.92 -19.89 1.08
N GLU B 121 -23.03 -20.13 2.40
CA GLU B 121 -23.21 -19.07 3.38
C GLU B 121 -21.97 -18.17 3.48
N ILE B 122 -20.76 -18.77 3.45
CA ILE B 122 -19.53 -18.02 3.34
C ILE B 122 -19.57 -17.14 2.08
N SER B 123 -19.95 -17.74 0.93
CA SER B 123 -19.96 -17.04 -0.35
C SER B 123 -20.80 -15.77 -0.31
N LEU B 124 -21.95 -15.83 0.37
CA LEU B 124 -22.80 -14.66 0.53
C LEU B 124 -22.10 -13.60 1.39
N ALA B 125 -21.45 -14.03 2.48
CA ALA B 125 -20.70 -13.13 3.34
C ALA B 125 -19.58 -12.44 2.58
N LEU B 126 -18.81 -13.23 1.80
CA LEU B 126 -17.71 -12.69 1.01
C LEU B 126 -18.24 -11.70 -0.02
N ASN B 127 -19.26 -12.11 -0.79
CA ASN B 127 -19.83 -11.26 -1.83
C ASN B 127 -20.33 -9.93 -1.25
N TYR B 128 -20.93 -9.97 -0.05
CA TYR B 128 -21.41 -8.78 0.63
C TYR B 128 -20.25 -7.83 0.93
N LEU B 129 -19.16 -8.36 1.50
CA LEU B 129 -17.94 -7.59 1.76
C LEU B 129 -17.36 -7.01 0.46
N HIS B 130 -17.28 -7.85 -0.58
CA HIS B 130 -16.71 -7.48 -1.87
C HIS B 130 -17.44 -6.27 -2.48
N GLU B 131 -18.77 -6.24 -2.42
CA GLU B 131 -19.55 -5.18 -3.02
C GLU B 131 -19.51 -3.90 -2.17
N ARG B 132 -19.10 -4.01 -0.87
CA ARG B 132 -18.73 -2.86 -0.04
C ARG B 132 -17.24 -2.51 -0.15
N GLY B 133 -16.49 -3.16 -1.06
CA GLY B 133 -15.12 -2.81 -1.37
C GLY B 133 -14.14 -3.29 -0.30
N ILE B 134 -14.36 -4.50 0.23
CA ILE B 134 -13.59 -5.07 1.34
C ILE B 134 -13.11 -6.47 0.92
N ILE B 135 -11.80 -6.73 1.04
CA ILE B 135 -11.25 -8.07 0.88
C ILE B 135 -11.08 -8.63 2.29
N TYR B 136 -11.49 -9.90 2.52
CA TYR B 136 -11.44 -10.53 3.84
C TYR B 136 -9.99 -10.87 4.18
N ARG B 137 -9.33 -11.63 3.27
CA ARG B 137 -7.89 -11.89 3.27
C ARG B 137 -7.40 -12.84 4.35
N ASP B 138 -8.30 -13.41 5.17
CA ASP B 138 -7.89 -14.39 6.17
C ASP B 138 -9.00 -15.41 6.39
N LEU B 139 -9.57 -15.92 5.28
CA LEU B 139 -10.53 -17.01 5.34
C LEU B 139 -9.76 -18.26 5.76
N LYS B 140 -10.26 -18.90 6.82
CA LYS B 140 -9.76 -20.17 7.30
C LYS B 140 -10.78 -20.77 8.26
N LEU B 141 -10.63 -22.07 8.51
CA LEU B 141 -11.53 -22.85 9.35
C LEU B 141 -11.71 -22.18 10.71
N ASP B 142 -10.59 -21.69 11.27
CA ASP B 142 -10.51 -21.03 12.57
C ASP B 142 -11.38 -19.78 12.63
N ASN B 143 -11.48 -19.05 11.51
CA ASN B 143 -12.21 -17.79 11.46
C ASN B 143 -13.68 -17.96 11.04
N VAL B 144 -14.16 -19.19 10.77
CA VAL B 144 -15.56 -19.42 10.44
C VAL B 144 -16.22 -20.12 11.63
N LEU B 145 -17.08 -19.38 12.35
CA LEU B 145 -17.79 -19.93 13.49
C LEU B 145 -19.17 -20.40 13.06
N LEU B 146 -19.68 -21.43 13.75
CA LEU B 146 -21.09 -21.77 13.75
C LEU B 146 -21.75 -21.07 14.93
N ASP B 147 -22.94 -20.49 14.70
CA ASP B 147 -23.81 -20.01 15.76
C ASP B 147 -24.60 -21.20 16.34
N SER B 148 -25.43 -20.94 17.36
CA SER B 148 -26.11 -21.97 18.12
C SER B 148 -27.06 -22.81 17.27
N GLU B 149 -27.60 -22.22 16.19
CA GLU B 149 -28.56 -22.88 15.31
C GLU B 149 -27.88 -23.68 14.19
N GLY B 150 -26.63 -23.32 13.84
CA GLY B 150 -25.81 -24.07 12.90
C GLY B 150 -25.50 -23.34 11.59
N HIS B 151 -25.78 -22.03 11.52
CA HIS B 151 -25.37 -21.16 10.42
C HIS B 151 -23.99 -20.57 10.72
N ILE B 152 -23.27 -20.15 9.67
CA ILE B 152 -21.90 -19.66 9.83
C ILE B 152 -21.90 -18.17 10.18
N LYS B 153 -20.76 -17.72 10.73
CA LYS B 153 -20.35 -16.33 10.78
C LYS B 153 -18.83 -16.23 10.55
N LEU B 154 -18.42 -15.29 9.68
CA LEU B 154 -17.04 -14.80 9.61
C LEU B 154 -16.85 -13.78 10.73
N THR B 155 -15.67 -13.80 11.38
CA THR B 155 -15.49 -13.06 12.62
C THR B 155 -14.30 -12.11 12.52
N ASP B 156 -13.10 -12.63 12.28
CA ASP B 156 -11.87 -11.87 12.49
C ASP B 156 -11.62 -10.98 11.27
N TYR B 157 -11.88 -9.67 11.39
CA TYR B 157 -11.78 -8.73 10.27
C TYR B 157 -10.45 -7.98 10.27
N GLY B 158 -9.49 -8.40 11.11
CA GLY B 158 -8.23 -7.69 11.30
C GLY B 158 -7.38 -7.65 10.04
N MET B 159 -7.51 -8.62 9.13
CA MET B 159 -6.69 -8.68 7.93
C MET B 159 -7.33 -7.96 6.74
N CYS B 160 -8.52 -7.35 6.91
CA CYS B 160 -9.29 -6.87 5.77
C CYS B 160 -8.62 -5.67 5.10
N LYS B 161 -8.58 -5.67 3.75
CA LYS B 161 -8.40 -4.45 2.98
C LYS B 161 -9.77 -3.79 2.85
N GLU B 162 -9.82 -2.45 2.90
CA GLU B 162 -11.05 -1.69 2.70
C GLU B 162 -10.78 -0.46 1.82
N GLY B 163 -11.85 0.24 1.43
CA GLY B 163 -11.77 1.42 0.58
C GLY B 163 -11.40 1.08 -0.87
N LEU B 164 -11.59 -0.18 -1.27
CA LEU B 164 -11.18 -0.68 -2.57
C LEU B 164 -12.21 -0.26 -3.62
N ARG B 165 -11.83 0.70 -4.48
CA ARG B 165 -12.66 1.13 -5.60
C ARG B 165 -12.84 -0.06 -6.56
N PRO B 166 -13.93 -0.12 -7.36
CA PRO B 166 -14.20 -1.30 -8.17
C PRO B 166 -13.19 -1.35 -9.33
N GLY B 167 -12.31 -2.38 -9.32
CA GLY B 167 -11.22 -2.50 -10.28
C GLY B 167 -9.85 -2.06 -9.74
N ASP B 168 -9.77 -1.53 -8.51
CA ASP B 168 -8.51 -1.36 -7.79
C ASP B 168 -7.91 -2.72 -7.40
N THR B 169 -6.61 -2.67 -7.05
CA THR B 169 -5.90 -3.77 -6.42
C THR B 169 -5.11 -3.23 -5.23
N THR B 170 -4.51 -4.16 -4.46
CA THR B 170 -3.62 -3.86 -3.34
C THR B 170 -2.46 -4.86 -3.35
N SER B 171 -1.48 -4.63 -2.47
CA SER B 171 -0.14 -5.20 -2.60
C SER B 171 0.38 -5.94 -1.35
N TPO B 172 -0.34 -5.91 -0.22
CA TPO B 172 0.20 -6.34 1.06
CB TPO B 172 -0.67 -5.84 2.22
CG2 TPO B 172 -0.04 -6.02 3.59
OG1 TPO B 172 -0.85 -4.41 1.97
P TPO B 172 -2.27 -3.68 2.15
O1P TPO B 172 -2.68 -3.92 3.60
O2P TPO B 172 -2.05 -2.22 1.79
O3P TPO B 172 -3.19 -4.36 1.17
C TPO B 172 0.33 -7.86 1.12
O TPO B 172 -0.58 -8.56 0.67
N PHE B 173 1.45 -8.35 1.69
CA PHE B 173 1.74 -9.77 1.83
C PHE B 173 1.23 -10.22 3.19
N CYS B 174 -0.02 -10.71 3.20
CA CYS B 174 -0.72 -11.05 4.43
C CYS B 174 -1.71 -12.18 4.18
N GLY B 175 -2.12 -12.83 5.29
CA GLY B 175 -3.03 -13.97 5.27
C GLY B 175 -2.47 -15.08 6.14
N THR B 176 -2.71 -16.33 5.73
CA THR B 176 -2.27 -17.53 6.43
C THR B 176 -1.64 -18.48 5.42
N PRO B 177 -0.39 -18.95 5.59
CA PRO B 177 0.33 -19.69 4.52
C PRO B 177 -0.46 -20.75 3.74
N ASN B 178 -1.25 -21.55 4.46
CA ASN B 178 -2.06 -22.59 3.86
C ASN B 178 -3.06 -22.01 2.85
N TYR B 179 -3.65 -20.86 3.21
CA TYR B 179 -4.69 -20.25 2.41
C TYR B 179 -4.18 -19.18 1.43
N ILE B 180 -2.87 -18.88 1.41
CA ILE B 180 -2.34 -17.80 0.59
C ILE B 180 -2.48 -18.17 -0.88
N ALA B 181 -2.81 -17.16 -1.71
CA ALA B 181 -3.14 -17.34 -3.12
C ALA B 181 -1.91 -17.17 -4.00
N PRO B 182 -1.77 -17.92 -5.12
CA PRO B 182 -0.66 -17.73 -6.07
C PRO B 182 -0.30 -16.31 -6.54
N GLU B 183 -1.32 -15.44 -6.66
CA GLU B 183 -1.13 -14.04 -7.01
C GLU B 183 -0.21 -13.34 -6.00
N ILE B 184 -0.49 -13.58 -4.71
CA ILE B 184 0.24 -12.96 -3.62
C ILE B 184 1.69 -13.48 -3.65
N LEU B 185 1.84 -14.81 -3.78
CA LEU B 185 3.16 -15.47 -3.84
C LEU B 185 3.96 -15.02 -5.07
N ARG B 186 3.31 -14.81 -6.22
CA ARG B 186 3.97 -14.29 -7.41
C ARG B 186 4.39 -12.82 -7.27
N GLY B 187 3.94 -12.11 -6.22
CA GLY B 187 4.30 -10.74 -5.95
C GLY B 187 3.41 -9.75 -6.70
N GLU B 188 2.32 -10.25 -7.30
CA GLU B 188 1.41 -9.45 -8.11
C GLU B 188 0.52 -8.64 -7.18
N ASP B 189 0.00 -7.53 -7.69
CA ASP B 189 -1.12 -6.81 -7.10
C ASP B 189 -2.37 -7.68 -7.26
N TYR B 190 -3.28 -7.62 -6.28
CA TYR B 190 -4.42 -8.52 -6.23
C TYR B 190 -5.67 -7.78 -5.72
N GLY B 191 -6.85 -8.30 -6.10
CA GLY B 191 -8.13 -7.83 -5.62
C GLY B 191 -8.87 -8.95 -4.89
N PHE B 192 -10.16 -9.12 -5.20
CA PHE B 192 -11.05 -9.99 -4.42
C PHE B 192 -10.73 -11.47 -4.66
N SER B 193 -10.09 -11.78 -5.79
CA SER B 193 -9.79 -13.15 -6.22
C SER B 193 -9.17 -14.02 -5.12
N VAL B 194 -8.33 -13.41 -4.26
CA VAL B 194 -7.65 -14.13 -3.19
C VAL B 194 -8.66 -14.80 -2.25
N ASP B 195 -9.80 -14.15 -1.97
CA ASP B 195 -10.84 -14.72 -1.10
C ASP B 195 -11.42 -16.00 -1.68
N TRP B 196 -11.61 -16.06 -3.00
CA TRP B 196 -12.23 -17.22 -3.64
C TRP B 196 -11.27 -18.41 -3.69
N TRP B 197 -9.97 -18.14 -3.91
CA TRP B 197 -8.92 -19.14 -3.74
C TRP B 197 -9.00 -19.78 -2.36
N ALA B 198 -9.06 -18.94 -1.30
CA ALA B 198 -9.08 -19.42 0.07
C ALA B 198 -10.29 -20.32 0.33
N LEU B 199 -11.46 -19.91 -0.18
CA LEU B 199 -12.68 -20.71 -0.08
C LEU B 199 -12.46 -22.08 -0.70
N GLY B 200 -11.78 -22.12 -1.87
CA GLY B 200 -11.41 -23.36 -2.53
C GLY B 200 -10.65 -24.31 -1.60
N VAL B 201 -9.61 -23.76 -0.96
CA VAL B 201 -8.80 -24.48 0.01
C VAL B 201 -9.71 -24.97 1.14
N LEU B 202 -10.56 -24.06 1.65
CA LEU B 202 -11.44 -24.35 2.78
C LEU B 202 -12.41 -25.49 2.45
N MET B 203 -12.99 -25.44 1.23
CA MET B 203 -13.90 -26.48 0.75
C MET B 203 -13.17 -27.81 0.56
N PHE B 204 -11.92 -27.76 0.08
CA PHE B 204 -11.10 -28.94 -0.06
C PHE B 204 -10.98 -29.63 1.29
N GLU B 205 -10.61 -28.85 2.31
CA GLU B 205 -10.42 -29.33 3.67
C GLU B 205 -11.68 -30.00 4.22
N MET B 206 -12.84 -29.41 3.95
CA MET B 206 -14.10 -29.94 4.46
C MET B 206 -14.41 -31.29 3.85
N MET B 207 -14.26 -31.41 2.53
CA MET B 207 -14.72 -32.58 1.79
C MET B 207 -13.65 -33.68 1.78
N ALA B 208 -12.37 -33.29 1.70
CA ALA B 208 -11.26 -34.24 1.68
C ALA B 208 -10.80 -34.62 3.09
N GLY B 209 -10.93 -33.70 4.08
CA GLY B 209 -10.56 -33.92 5.47
C GLY B 209 -9.10 -33.55 5.79
N ARG B 210 -8.40 -32.92 4.84
CA ARG B 210 -7.03 -32.45 5.00
C ARG B 210 -6.84 -31.31 4.01
N SER B 211 -5.82 -30.48 4.26
CA SER B 211 -5.43 -29.44 3.31
C SER B 211 -4.96 -30.08 2.00
N PRO B 212 -5.10 -29.41 0.83
CA PRO B 212 -4.46 -29.89 -0.39
C PRO B 212 -2.93 -29.88 -0.39
N PHE B 213 -2.30 -29.21 0.60
CA PHE B 213 -0.85 -29.12 0.69
C PHE B 213 -0.36 -29.87 1.93
N ASP B 214 -0.97 -31.02 2.25
CA ASP B 214 -0.79 -31.67 3.54
C ASP B 214 0.53 -32.44 3.64
N ILE B 215 1.19 -32.76 2.51
CA ILE B 215 2.51 -33.40 2.56
C ILE B 215 3.58 -32.50 3.22
N VAL B 216 3.38 -31.17 3.19
CA VAL B 216 4.26 -30.20 3.84
C VAL B 216 4.05 -30.26 5.36
N GLY B 217 4.90 -31.03 6.05
CA GLY B 217 4.76 -31.33 7.48
C GLY B 217 5.19 -32.77 7.78
N SER B 218 4.81 -33.71 6.90
CA SER B 218 4.93 -35.15 7.09
C SER B 218 6.20 -35.75 6.45
N SER B 219 6.98 -34.97 5.68
CA SER B 219 8.05 -35.51 4.85
C SER B 219 9.27 -35.88 5.70
N ASP B 220 10.08 -36.82 5.17
CA ASP B 220 11.31 -37.24 5.83
C ASP B 220 12.42 -36.19 5.66
N ASN B 221 12.40 -35.43 4.55
CA ASN B 221 13.34 -34.35 4.31
C ASN B 221 12.94 -33.13 5.15
N PRO B 222 13.82 -32.58 6.04
CA PRO B 222 13.48 -31.36 6.79
C PRO B 222 13.21 -30.15 5.89
N ASP B 223 13.91 -30.07 4.74
CA ASP B 223 13.82 -28.94 3.82
C ASP B 223 12.50 -28.90 3.04
N GLN B 224 11.68 -29.98 3.08
CA GLN B 224 10.35 -30.00 2.49
C GLN B 224 9.23 -29.87 3.53
N ASN B 225 9.54 -29.37 4.75
CA ASN B 225 8.54 -29.09 5.77
C ASN B 225 8.61 -27.61 6.17
N THR B 226 8.72 -26.73 5.18
CA THR B 226 8.97 -25.31 5.41
C THR B 226 7.92 -24.49 4.66
N GLU B 227 7.70 -23.25 5.14
CA GLU B 227 6.80 -22.27 4.54
C GLU B 227 7.16 -22.03 3.07
N ASP B 228 8.46 -21.90 2.78
CA ASP B 228 8.97 -21.75 1.43
C ASP B 228 8.59 -22.94 0.52
N TYR B 229 8.66 -24.17 1.06
CA TYR B 229 8.32 -25.37 0.29
C TYR B 229 6.80 -25.42 0.05
N LEU B 230 6.00 -24.97 1.03
CA LEU B 230 4.55 -24.83 0.87
C LEU B 230 4.23 -23.90 -0.30
N PHE B 231 4.89 -22.74 -0.32
CA PHE B 231 4.64 -21.73 -1.33
C PHE B 231 5.05 -22.23 -2.72
N GLN B 232 6.13 -23.02 -2.79
CA GLN B 232 6.53 -23.69 -4.01
C GLN B 232 5.44 -24.66 -4.49
N VAL B 233 4.85 -25.42 -3.55
CA VAL B 233 3.80 -26.38 -3.86
C VAL B 233 2.54 -25.68 -4.34
N ILE B 234 2.18 -24.55 -3.70
CA ILE B 234 1.02 -23.77 -4.10
C ILE B 234 1.19 -23.29 -5.55
N LEU B 235 2.40 -22.87 -5.93
CA LEU B 235 2.65 -22.26 -7.23
C LEU B 235 2.80 -23.29 -8.35
N GLU B 236 3.51 -24.41 -8.11
CA GLU B 236 4.07 -25.22 -9.18
C GLU B 236 3.43 -26.60 -9.29
N LYS B 237 2.93 -27.16 -8.17
CA LYS B 237 2.45 -28.54 -8.16
C LYS B 237 0.96 -28.56 -8.47
N GLN B 238 0.52 -29.66 -9.10
CA GLN B 238 -0.87 -29.97 -9.38
C GLN B 238 -1.57 -30.39 -8.08
N ILE B 239 -2.75 -29.80 -7.81
CA ILE B 239 -3.63 -30.27 -6.74
C ILE B 239 -4.45 -31.43 -7.30
N ARG B 240 -4.18 -32.65 -6.83
CA ARG B 240 -4.96 -33.82 -7.20
C ARG B 240 -6.17 -33.92 -6.26
N ILE B 241 -7.36 -34.10 -6.86
CA ILE B 241 -8.63 -34.22 -6.14
C ILE B 241 -8.81 -35.67 -5.72
N PRO B 242 -9.15 -35.99 -4.45
CA PRO B 242 -9.35 -37.38 -4.04
C PRO B 242 -10.52 -38.05 -4.79
N ARG B 243 -10.37 -39.35 -5.07
CA ARG B 243 -11.33 -40.09 -5.87
C ARG B 243 -12.70 -40.19 -5.20
N SER B 244 -12.76 -40.12 -3.86
CA SER B 244 -14.04 -40.22 -3.15
C SER B 244 -15.01 -39.08 -3.55
N LEU B 245 -14.48 -37.89 -3.85
CA LEU B 245 -15.32 -36.72 -4.11
C LEU B 245 -15.98 -36.84 -5.48
N SER B 246 -17.23 -36.33 -5.58
CA SER B 246 -18.02 -36.44 -6.81
C SER B 246 -17.42 -35.58 -7.92
N VAL B 247 -17.98 -35.73 -9.12
CA VAL B 247 -17.59 -34.93 -10.28
C VAL B 247 -17.83 -33.44 -10.04
N LYS B 248 -18.94 -33.09 -9.35
CA LYS B 248 -19.30 -31.70 -9.10
C LYS B 248 -18.35 -31.08 -8.09
N ALA B 249 -18.05 -31.81 -7.00
CA ALA B 249 -17.06 -31.39 -6.02
C ALA B 249 -15.71 -31.14 -6.70
N ALA B 250 -15.21 -32.14 -7.43
CA ALA B 250 -13.93 -32.03 -8.14
C ALA B 250 -13.89 -30.81 -9.07
N SER B 251 -15.01 -30.51 -9.74
CA SER B 251 -15.08 -29.36 -10.64
C SER B 251 -14.95 -28.03 -9.88
N VAL B 252 -15.73 -27.86 -8.81
CA VAL B 252 -15.77 -26.60 -8.08
C VAL B 252 -14.41 -26.37 -7.40
N LEU B 253 -13.82 -27.42 -6.80
CA LEU B 253 -12.50 -27.32 -6.18
C LEU B 253 -11.44 -26.93 -7.21
N LYS B 254 -11.41 -27.61 -8.35
CA LYS B 254 -10.47 -27.29 -9.42
C LYS B 254 -10.73 -25.90 -10.02
N SER B 255 -11.98 -25.44 -10.01
CA SER B 255 -12.33 -24.14 -10.55
C SER B 255 -11.94 -23.00 -9.59
N PHE B 256 -12.20 -23.20 -8.30
CA PHE B 256 -11.80 -22.25 -7.27
C PHE B 256 -10.29 -22.26 -7.03
N LEU B 257 -9.62 -23.42 -7.23
CA LEU B 257 -8.17 -23.53 -7.07
C LEU B 257 -7.44 -23.42 -8.42
N ASN B 258 -7.95 -22.61 -9.36
CA ASN B 258 -7.22 -22.25 -10.56
C ASN B 258 -6.11 -21.26 -10.18
N LYS B 259 -4.87 -21.53 -10.61
CA LYS B 259 -3.73 -20.71 -10.24
C LYS B 259 -3.81 -19.31 -10.85
N ASP B 260 -4.39 -19.20 -12.06
CA ASP B 260 -4.63 -17.92 -12.72
C ASP B 260 -5.87 -17.25 -12.12
N PRO B 261 -5.76 -16.05 -11.49
CA PRO B 261 -6.93 -15.37 -10.94
C PRO B 261 -7.95 -14.91 -11.98
N LYS B 262 -7.46 -14.52 -13.17
CA LYS B 262 -8.31 -14.10 -14.27
C LYS B 262 -9.37 -15.17 -14.56
N GLU B 263 -8.95 -16.45 -14.56
CA GLU B 263 -9.79 -17.56 -15.00
C GLU B 263 -10.25 -18.43 -13.83
N ARG B 264 -10.32 -17.86 -12.60
CA ARG B 264 -10.75 -18.60 -11.42
C ARG B 264 -12.23 -18.32 -11.18
N LEU B 265 -12.95 -19.31 -10.63
CA LEU B 265 -14.35 -19.16 -10.29
C LEU B 265 -14.50 -18.03 -9.27
N GLY B 266 -15.47 -17.14 -9.50
CA GLY B 266 -15.80 -16.06 -8.57
C GLY B 266 -15.18 -14.71 -8.96
N CYS B 267 -14.23 -14.72 -9.90
CA CYS B 267 -13.26 -13.66 -10.06
C CYS B 267 -13.45 -12.82 -11.33
N HIS B 268 -14.37 -13.22 -12.23
CA HIS B 268 -14.78 -12.37 -13.32
C HIS B 268 -15.34 -11.09 -12.70
N PRO B 269 -14.85 -9.88 -13.05
CA PRO B 269 -15.29 -8.65 -12.38
C PRO B 269 -16.78 -8.31 -12.56
N GLN B 270 -17.36 -8.78 -13.68
CA GLN B 270 -18.78 -8.62 -13.99
C GLN B 270 -19.57 -9.78 -13.37
N THR B 271 -19.31 -11.01 -13.81
CA THR B 271 -20.21 -12.15 -13.61
C THR B 271 -19.72 -13.09 -12.51
N GLY B 272 -18.89 -12.61 -11.57
CA GLY B 272 -18.10 -13.48 -10.70
C GLY B 272 -18.97 -14.32 -9.76
N PHE B 273 -19.79 -13.64 -8.94
CA PHE B 273 -20.65 -14.31 -7.98
C PHE B 273 -21.74 -15.11 -8.69
N ALA B 274 -22.30 -14.55 -9.78
CA ALA B 274 -23.26 -15.27 -10.61
C ALA B 274 -22.71 -16.62 -11.09
N ASP B 275 -21.44 -16.63 -11.52
CA ASP B 275 -20.78 -17.86 -11.99
C ASP B 275 -20.71 -18.90 -10.85
N ILE B 276 -20.51 -18.47 -9.59
CA ILE B 276 -20.52 -19.36 -8.45
C ILE B 276 -21.92 -19.96 -8.28
N GLN B 277 -22.94 -19.11 -8.30
CA GLN B 277 -24.34 -19.52 -8.15
C GLN B 277 -24.77 -20.50 -9.24
N GLY B 278 -24.23 -20.33 -10.46
CA GLY B 278 -24.55 -21.19 -11.60
C GLY B 278 -23.70 -22.46 -11.72
N HIS B 279 -22.77 -22.73 -10.78
CA HIS B 279 -21.93 -23.91 -10.87
C HIS B 279 -22.79 -25.15 -10.54
N PRO B 280 -22.64 -26.30 -11.25
CA PRO B 280 -23.39 -27.52 -10.91
C PRO B 280 -23.35 -27.96 -9.45
N PHE B 281 -22.21 -27.72 -8.78
CA PHE B 281 -22.04 -27.99 -7.36
C PHE B 281 -23.09 -27.27 -6.51
N PHE B 282 -23.49 -26.05 -6.92
CA PHE B 282 -24.57 -25.31 -6.28
C PHE B 282 -25.84 -25.31 -7.14
N ARG B 283 -26.34 -26.49 -7.50
CA ARG B 283 -27.47 -26.61 -8.41
C ARG B 283 -28.76 -26.15 -7.71
N ASN B 284 -29.11 -26.81 -6.60
CA ASN B 284 -30.42 -26.63 -5.99
C ASN B 284 -30.31 -25.77 -4.74
N VAL B 285 -29.31 -24.89 -4.66
CA VAL B 285 -29.15 -23.97 -3.54
C VAL B 285 -30.10 -22.79 -3.73
N ASP B 286 -30.98 -22.55 -2.75
CA ASP B 286 -31.88 -21.40 -2.75
C ASP B 286 -31.19 -20.24 -2.03
N TRP B 287 -30.48 -19.41 -2.80
CA TRP B 287 -29.58 -18.38 -2.29
C TRP B 287 -30.32 -17.27 -1.55
N ASP B 288 -31.55 -16.95 -1.96
CA ASP B 288 -32.37 -15.97 -1.25
C ASP B 288 -32.80 -16.52 0.10
N MET B 289 -33.28 -17.77 0.13
CA MET B 289 -33.68 -18.43 1.38
C MET B 289 -32.48 -18.69 2.30
N MET B 290 -31.33 -19.04 1.72
CA MET B 290 -30.06 -19.17 2.44
C MET B 290 -29.79 -17.88 3.20
N GLU B 291 -29.85 -16.72 2.50
CA GLU B 291 -29.49 -15.41 3.03
C GLU B 291 -30.47 -14.93 4.08
N GLN B 292 -31.76 -15.29 3.96
CA GLN B 292 -32.78 -15.01 4.96
C GLN B 292 -32.75 -16.00 6.12
N LYS B 293 -31.77 -16.92 6.17
CA LYS B 293 -31.58 -17.94 7.20
C LYS B 293 -32.77 -18.89 7.27
N GLN B 294 -33.38 -19.19 6.11
CA GLN B 294 -34.57 -20.04 6.01
C GLN B 294 -34.23 -21.47 5.56
N VAL B 295 -32.97 -21.76 5.19
CA VAL B 295 -32.53 -23.13 4.94
C VAL B 295 -32.09 -23.72 6.27
N VAL B 296 -32.67 -24.89 6.63
CA VAL B 296 -32.40 -25.58 7.88
C VAL B 296 -30.97 -26.09 7.81
N PRO B 297 -30.03 -25.68 8.71
CA PRO B 297 -28.64 -26.15 8.65
C PRO B 297 -28.53 -27.67 8.76
N PRO B 298 -27.47 -28.28 8.17
CA PRO B 298 -27.29 -29.74 8.24
C PRO B 298 -26.91 -30.29 9.62
N PHE B 299 -26.30 -29.43 10.46
CA PHE B 299 -25.83 -29.80 11.78
C PHE B 299 -26.27 -28.72 12.77
N LYS B 300 -26.92 -29.15 13.87
CA LYS B 300 -27.26 -28.32 15.01
C LYS B 300 -26.22 -28.56 16.11
N PRO B 301 -25.33 -27.59 16.45
CA PRO B 301 -24.33 -27.81 17.50
C PRO B 301 -24.98 -27.96 18.86
N ASN B 302 -24.37 -28.79 19.72
CA ASN B 302 -24.92 -29.04 21.03
C ASN B 302 -24.55 -27.86 21.96
N ILE B 303 -25.60 -27.26 22.55
CA ILE B 303 -25.48 -26.19 23.52
C ILE B 303 -25.96 -26.75 24.87
N SER B 304 -25.10 -26.69 25.89
CA SER B 304 -25.42 -27.16 27.24
C SER B 304 -24.81 -26.25 28.29
N GLY B 305 -25.15 -26.51 29.56
CA GLY B 305 -24.67 -25.73 30.69
C GLY B 305 -25.38 -24.37 30.75
N GLU B 306 -24.87 -23.47 31.61
CA GLU B 306 -25.38 -22.10 31.68
C GLU B 306 -25.07 -21.36 30.36
N PHE B 307 -23.85 -21.56 29.84
CA PHE B 307 -23.35 -20.89 28.64
C PHE B 307 -22.86 -22.00 27.71
N GLY B 308 -22.94 -21.80 26.39
CA GLY B 308 -22.79 -22.90 25.44
C GLY B 308 -21.34 -23.29 25.19
N LEU B 309 -20.59 -23.60 26.27
CA LEU B 309 -19.14 -23.67 26.25
C LEU B 309 -18.63 -25.02 25.71
N ASP B 310 -19.54 -25.96 25.42
CA ASP B 310 -19.23 -27.27 24.86
C ASP B 310 -18.29 -27.21 23.66
N ASN B 311 -18.48 -26.21 22.78
CA ASN B 311 -17.84 -26.19 21.47
C ASN B 311 -16.60 -25.30 21.43
N PHE B 312 -15.98 -25.00 22.58
CA PHE B 312 -14.71 -24.30 22.66
C PHE B 312 -13.64 -25.27 23.13
N ASP B 313 -12.45 -25.18 22.52
CA ASP B 313 -11.34 -26.08 22.75
C ASP B 313 -10.92 -26.01 24.21
N SER B 314 -10.64 -27.17 24.82
CA SER B 314 -10.49 -27.27 26.27
C SER B 314 -9.28 -26.50 26.79
N GLN B 315 -8.21 -26.41 25.96
CA GLN B 315 -7.00 -25.69 26.36
C GLN B 315 -7.31 -24.23 26.69
N PHE B 316 -8.30 -23.63 25.99
CA PHE B 316 -8.79 -22.29 26.26
C PHE B 316 -9.66 -22.24 27.53
N THR B 317 -10.65 -23.14 27.68
CA THR B 317 -11.61 -23.08 28.78
C THR B 317 -11.00 -23.51 30.12
N ASN B 318 -9.90 -24.29 30.11
CA ASN B 318 -9.16 -24.64 31.31
C ASN B 318 -8.38 -23.47 31.90
N GLU B 319 -7.96 -22.50 31.07
CA GLU B 319 -7.12 -21.39 31.51
C GLU B 319 -7.88 -20.55 32.53
N PRO B 320 -7.22 -20.01 33.60
CA PRO B 320 -7.91 -19.25 34.64
C PRO B 320 -8.44 -17.93 34.10
N VAL B 321 -9.55 -17.45 34.70
CA VAL B 321 -10.34 -16.36 34.15
C VAL B 321 -9.81 -15.06 34.75
N GLN B 322 -8.73 -14.56 34.15
CA GLN B 322 -8.00 -13.37 34.60
C GLN B 322 -7.42 -12.68 33.38
N LEU B 323 -6.90 -11.46 33.60
CA LEU B 323 -6.02 -10.80 32.65
C LEU B 323 -4.61 -10.88 33.21
N TPO B 324 -3.66 -11.24 32.34
CA TPO B 324 -2.27 -11.46 32.70
CB TPO B 324 -1.40 -11.83 31.50
CG2 TPO B 324 0.01 -12.22 31.87
OG1 TPO B 324 -2.01 -13.00 30.83
P TPO B 324 -2.76 -12.84 29.43
O1P TPO B 324 -1.71 -12.30 28.44
O2P TPO B 324 -3.30 -14.22 29.08
O3P TPO B 324 -3.88 -11.83 29.70
C TPO B 324 -1.72 -10.19 33.36
O TPO B 324 -1.93 -9.10 32.82
N PRO B 325 -1.06 -10.27 34.53
CA PRO B 325 -0.31 -9.15 35.08
C PRO B 325 0.51 -8.37 34.04
N ASP B 326 0.45 -7.02 34.13
CA ASP B 326 1.22 -6.13 33.28
C ASP B 326 2.66 -6.07 33.81
N ASP B 327 3.56 -5.57 32.96
CA ASP B 327 4.89 -5.15 33.37
C ASP B 327 4.96 -3.64 33.10
N ASP B 328 5.04 -2.83 34.16
CA ASP B 328 4.75 -1.41 34.05
C ASP B 328 5.89 -0.65 33.38
N ASP B 329 7.11 -1.23 33.33
CA ASP B 329 8.21 -0.68 32.54
C ASP B 329 7.90 -0.74 31.03
N ILE B 330 7.15 -1.75 30.59
CA ILE B 330 6.81 -1.98 29.19
C ILE B 330 5.53 -1.21 28.84
N VAL B 331 4.53 -1.18 29.74
CA VAL B 331 3.26 -0.49 29.49
C VAL B 331 3.47 1.04 29.47
N ARG B 332 4.37 1.56 30.32
CA ARG B 332 4.65 2.99 30.33
C ARG B 332 5.41 3.45 29.08
N LYS B 333 5.97 2.54 28.28
CA LYS B 333 6.66 2.88 27.03
C LYS B 333 5.68 3.12 25.86
N ILE B 334 4.37 2.93 26.06
CA ILE B 334 3.40 2.90 24.97
C ILE B 334 2.93 4.33 24.66
N ASP B 335 2.74 4.60 23.35
CA ASP B 335 2.15 5.83 22.83
C ASP B 335 0.62 5.68 22.87
N GLN B 336 0.00 6.33 23.88
CA GLN B 336 -1.44 6.26 24.07
C GLN B 336 -2.18 7.14 23.05
N SER B 337 -1.52 8.18 22.52
CA SER B 337 -2.09 9.04 21.48
C SER B 337 -2.47 8.27 20.20
N GLU B 338 -1.86 7.10 19.94
CA GLU B 338 -2.22 6.24 18.82
C GLU B 338 -3.61 5.62 18.92
N PHE B 339 -4.21 5.56 20.13
CA PHE B 339 -5.51 4.92 20.34
C PHE B 339 -6.57 5.90 20.87
N GLU B 340 -6.44 7.20 20.55
CA GLU B 340 -7.47 8.16 20.93
C GLU B 340 -8.64 8.01 19.97
N GLY B 341 -9.85 8.18 20.50
CA GLY B 341 -11.08 7.98 19.74
C GLY B 341 -11.34 6.51 19.39
N PHE B 342 -10.82 5.57 20.20
CA PHE B 342 -11.06 4.15 20.00
C PHE B 342 -12.43 3.74 20.55
N GLU B 343 -12.91 4.44 21.60
CA GLU B 343 -14.14 4.09 22.30
C GLU B 343 -15.31 4.17 21.32
N TYR B 344 -16.26 3.23 21.48
CA TYR B 344 -17.45 3.14 20.66
C TYR B 344 -18.51 2.38 21.44
N ILE B 345 -19.76 2.88 21.37
CA ILE B 345 -20.95 2.16 21.79
C ILE B 345 -21.86 2.10 20.56
N ASN B 346 -22.27 0.90 20.16
CA ASN B 346 -23.18 0.73 19.02
C ASN B 346 -24.55 1.31 19.38
N PRO B 347 -25.14 2.23 18.59
CA PRO B 347 -26.56 2.57 18.77
C PRO B 347 -27.51 1.63 18.01
N LYS C 7 -3.23 9.13 0.78
CA LYS C 7 -3.17 10.31 -0.13
C LYS C 7 -4.29 10.23 -1.17
N LYS C 8 -4.34 11.21 -2.09
CA LYS C 8 -5.47 11.37 -3.00
C LYS C 8 -5.09 11.55 -4.47
N SER C 9 -3.80 11.73 -4.80
CA SER C 9 -3.32 12.42 -6.00
C SER C 9 -3.42 13.95 -5.83
N LEU C 10 -3.10 14.40 -4.61
CA LEU C 10 -2.49 15.69 -4.34
C LEU C 10 -0.97 15.64 -4.55
N ARG C 11 -0.46 14.54 -5.16
CA ARG C 11 0.90 14.36 -5.66
C ARG C 11 1.05 14.82 -7.12
N GLN C 12 0.08 15.57 -7.64
CA GLN C 12 0.08 16.06 -9.02
C GLN C 12 0.75 17.43 -8.98
N SER C 13 1.65 17.72 -9.93
CA SER C 13 2.24 19.05 -10.08
C SER C 13 1.21 20.06 -10.59
N PHE C 14 1.48 21.37 -10.41
CA PHE C 14 0.60 22.43 -10.89
C PHE C 14 1.34 23.77 -10.83
N ARG C 15 0.71 24.84 -11.36
CA ARG C 15 1.30 26.18 -11.40
C ARG C 15 0.21 27.26 -11.53
N ARG C 16 0.37 28.39 -10.82
CA ARG C 16 -0.55 29.53 -10.83
C ARG C 16 0.23 30.83 -10.56
N LYS D 7 3.29 -27.81 9.30
CA LYS D 7 1.92 -27.45 9.77
C LYS D 7 2.04 -26.51 10.97
N LYS D 8 0.89 -26.10 11.52
CA LYS D 8 0.76 -25.44 12.82
C LYS D 8 1.11 -23.96 12.69
N SER D 9 2.38 -23.64 12.39
CA SER D 9 2.79 -22.28 12.03
C SER D 9 2.21 -21.87 10.67
N LEU D 10 1.94 -22.87 9.81
CA LEU D 10 1.39 -22.69 8.48
C LEU D 10 -0.10 -22.34 8.53
N ARG D 11 -0.77 -22.65 9.66
CA ARG D 11 -2.16 -22.26 9.93
C ARG D 11 -2.27 -20.94 10.70
N GLN D 12 -1.15 -20.28 11.03
CA GLN D 12 -1.14 -19.03 11.78
C GLN D 12 -1.08 -17.84 10.82
N SER D 13 -1.75 -16.76 11.22
CA SER D 13 -1.89 -15.55 10.42
C SER D 13 -0.57 -14.77 10.40
N PHE D 14 -0.42 -13.86 9.42
CA PHE D 14 0.77 -13.04 9.33
C PHE D 14 0.50 -11.77 8.52
N ARG D 15 1.45 -10.83 8.66
CA ARG D 15 1.46 -9.51 8.01
C ARG D 15 2.92 -9.09 7.82
N ARG D 16 3.41 -9.15 6.56
CA ARG D 16 4.79 -8.86 6.19
C ARG D 16 4.80 -7.83 5.06
N MET D 17 6.00 -7.26 4.79
CA MET D 17 6.27 -6.40 3.64
C MET D 17 7.32 -7.08 2.74
#